data_7RTM
#
_entry.id   7RTM
#
_cell.length_a   1.00
_cell.length_b   1.00
_cell.length_c   1.00
_cell.angle_alpha   90.00
_cell.angle_beta   90.00
_cell.angle_gamma   90.00
#
_symmetry.space_group_name_H-M   'P 1'
#
loop_
_entity.id
_entity.type
_entity.pdbx_description
1 polymer 'Electroneutral sodium bicarbonate exchanger 1'
2 branched 2-acetamido-2-deoxy-beta-D-glucopyranose-(1-4)-2-acetamido-2-deoxy-beta-D-glucopyranose-(1-4)-2-acetamido-2-deoxy-beta-D-glucopyranose
3 non-polymer 2-acetamido-2-deoxy-beta-D-glucopyranose
4 non-polymer 'SODIUM ION'
5 non-polymer 'CARBONATE ION'
#
_entity_poly.entity_id   1
_entity_poly.type   'polypeptide(L)'
_entity_poly.pdbx_seq_one_letter_code
;LFGGLVLDVKRKAPWYWSDYRDALSLQCLASFLFLYCACMSPVITFGGLLGEATEGRISAIESLFGASMTGIAYSLFAGQ
PLTILGSTGPVLVFEKILFKFCKDYALSYLSLRACIGLWTAFLCIVLVATDASSLVCYITRFTEEAFASLICIIFIYEAI
EKLIHLAETYPIHMHSQLDHLSLYYCRCALPENPNNHTLQYWKEHSIPTADVNWANLTVSECQEMHGEFIGSACGHHGPY
TPDVLFWSCILFFATFIVSSTLKTFKTSRYFPTRVRSTVSDFAVFLTIFTMVILDFLIGVPSPKLQVPSVFKPTRDDRGW
FISPIGPNPWWTVIAAIIPALLCTILIFMDQQITAVIINRKEHKLKKGCGYHLDLLVVAIMLGVCSLMGLPWFVAATVLS
ITHVNSLKLESECSAPGEQPKFLGIREQRVTGLMIFVLMGCSVFMTAVLKFIPMPVLYGVFLYMGVSSLQGIQFFDRLKL
FGMPAKHQPDFIYLRHVPLRKVHLFTLVQLTCLVLLWVIKASPAAIVFPMMVLALVFVRKVMDLCFSKRELSWLDDLMPE
SKKKKLDDAKK
;
_entity_poly.pdbx_strand_id   A,B
#
# COMPACT_ATOMS: atom_id res chain seq x y z
N LEU A 1 -17.79 36.93 39.50
CA LEU A 1 -18.90 36.05 39.49
C LEU A 1 -19.53 36.33 38.18
N PHE A 2 -20.80 36.71 38.24
CA PHE A 2 -21.62 36.92 37.08
C PHE A 2 -21.10 38.11 36.19
N GLY A 3 -21.19 37.99 34.87
CA GLY A 3 -20.51 38.89 33.95
C GLY A 3 -19.07 38.97 34.16
N GLY A 4 -18.39 37.81 34.08
CA GLY A 4 -16.99 37.55 34.28
C GLY A 4 -16.39 36.79 33.17
N LEU A 5 -17.15 36.38 32.15
CA LEU A 5 -16.69 35.83 30.91
C LEU A 5 -16.31 37.01 30.00
N VAL A 6 -16.63 38.28 30.24
CA VAL A 6 -16.34 39.47 29.45
C VAL A 6 -14.83 39.61 29.25
N LEU A 7 -13.91 39.28 30.15
CA LEU A 7 -12.50 39.50 30.03
C LEU A 7 -11.93 38.80 28.77
N ASP A 8 -12.50 37.63 28.43
CA ASP A 8 -12.08 36.78 27.29
C ASP A 8 -12.19 37.51 26.02
N VAL A 9 -13.37 38.17 25.78
CA VAL A 9 -13.61 39.05 24.62
C VAL A 9 -12.69 40.28 24.66
N LYS A 10 -12.46 40.89 25.84
CA LYS A 10 -11.55 42.02 25.97
C LYS A 10 -10.17 41.56 25.55
N ARG A 11 -9.73 40.22 25.82
CA ARG A 11 -8.46 39.72 25.48
C ARG A 11 -8.46 39.14 24.09
N LYS A 12 -9.60 39.06 23.33
CA LYS A 12 -9.62 38.57 21.99
C LYS A 12 -9.83 39.74 21.06
N ALA A 13 -10.31 40.96 21.51
CA ALA A 13 -10.49 42.17 20.74
C ALA A 13 -9.23 42.65 20.08
N PRO A 14 -8.08 42.79 20.64
CA PRO A 14 -6.87 43.40 20.04
C PRO A 14 -6.35 42.69 18.83
N TRP A 15 -6.54 41.34 18.79
CA TRP A 15 -5.97 40.49 17.76
C TRP A 15 -6.79 40.49 16.42
N TYR A 16 -7.97 41.07 16.48
CA TYR A 16 -9.12 40.75 15.55
C TYR A 16 -8.83 40.87 14.07
N TRP A 17 -8.26 42.02 13.63
CA TRP A 17 -8.01 42.21 12.30
C TRP A 17 -6.77 41.44 11.93
N SER A 18 -5.66 41.33 12.75
CA SER A 18 -4.39 40.73 12.53
C SER A 18 -4.40 39.25 12.20
N ASP A 19 -5.53 38.61 12.60
CA ASP A 19 -5.77 37.16 12.39
C ASP A 19 -6.65 36.92 11.15
N TYR A 20 -6.65 37.80 10.09
CA TYR A 20 -7.08 37.54 8.79
C TYR A 20 -6.03 37.73 7.81
N ARG A 21 -5.22 38.80 8.05
CA ARG A 21 -4.11 39.12 7.30
C ARG A 21 -2.95 38.21 7.56
N ASP A 22 -2.98 37.41 8.66
CA ASP A 22 -2.13 36.26 9.10
C ASP A 22 -2.28 35.12 8.08
N ALA A 23 -3.51 34.89 7.58
CA ALA A 23 -3.98 33.84 6.73
C ALA A 23 -3.31 33.87 5.36
N LEU A 24 -2.87 32.72 4.83
CA LEU A 24 -2.09 32.60 3.67
C LEU A 24 -2.58 31.36 3.04
N SER A 25 -2.68 31.51 1.71
CA SER A 25 -3.15 30.49 0.77
C SER A 25 -2.15 29.37 0.52
N LEU A 26 -2.72 28.22 0.14
CA LEU A 26 -2.10 26.91 -0.20
C LEU A 26 -1.79 26.04 1.03
N GLN A 27 -2.02 26.61 2.21
CA GLN A 27 -1.87 25.94 3.47
C GLN A 27 -3.21 26.10 4.15
N CYS A 28 -4.10 26.86 3.50
CA CYS A 28 -5.32 27.09 4.02
C CYS A 28 -6.43 26.64 3.04
N LEU A 29 -6.10 26.75 1.78
CA LEU A 29 -6.82 26.34 0.60
C LEU A 29 -7.08 24.88 0.62
N ALA A 30 -6.04 24.10 0.82
CA ALA A 30 -6.04 22.67 0.86
C ALA A 30 -6.73 22.08 1.97
N SER A 31 -6.51 22.72 3.16
CA SER A 31 -7.19 22.38 4.36
C SER A 31 -8.69 22.57 4.20
N PHE A 32 -9.15 23.69 3.63
CA PHE A 32 -10.56 24.00 3.32
C PHE A 32 -11.13 23.02 2.41
N LEU A 33 -10.40 22.65 1.26
CA LEU A 33 -10.84 21.70 0.26
C LEU A 33 -11.01 20.29 0.83
N PHE A 34 -10.08 19.79 1.64
CA PHE A 34 -10.22 18.50 2.30
C PHE A 34 -11.33 18.49 3.36
N LEU A 35 -11.42 19.56 4.15
CA LEU A 35 -12.42 19.70 5.23
C LEU A 35 -13.87 19.84 4.78
N TYR A 36 -14.10 20.68 3.78
CA TYR A 36 -15.41 20.89 3.19
C TYR A 36 -16.09 19.52 2.93
N CYS A 37 -15.27 18.65 2.20
CA CYS A 37 -15.68 17.33 1.86
C CYS A 37 -15.90 16.52 3.07
N ALA A 38 -14.92 16.60 4.01
CA ALA A 38 -14.85 15.79 5.19
C ALA A 38 -16.00 16.05 6.11
N CYS A 39 -16.45 17.38 6.24
CA CYS A 39 -17.42 17.80 7.24
C CYS A 39 -18.81 17.52 6.75
N MET A 40 -19.03 17.64 5.42
CA MET A 40 -20.36 17.41 4.83
C MET A 40 -20.84 15.97 5.00
N SER A 41 -19.94 15.02 4.74
CA SER A 41 -20.27 13.61 4.87
C SER A 41 -20.50 13.22 6.32
N PRO A 42 -19.89 13.96 7.25
CA PRO A 42 -20.02 13.72 8.69
C PRO A 42 -21.37 14.16 9.25
N VAL A 43 -21.91 15.23 8.69
CA VAL A 43 -23.21 15.74 9.13
C VAL A 43 -24.33 15.21 8.25
N ILE A 44 -23.99 14.32 7.32
CA ILE A 44 -24.95 13.73 6.41
C ILE A 44 -25.32 12.32 6.86
N THR A 45 -24.35 11.64 7.47
CA THR A 45 -24.56 10.28 7.95
C THR A 45 -25.30 10.31 9.28
N PHE A 46 -25.19 11.44 9.98
CA PHE A 46 -25.84 11.61 11.26
C PHE A 46 -27.26 12.17 11.09
N GLY A 47 -27.49 12.89 9.99
CA GLY A 47 -28.87 13.49 9.73
C GLY A 47 -29.82 12.46 9.19
N GLY A 48 -29.36 11.63 8.21
CA GLY A 48 -30.09 10.43 7.72
C GLY A 48 -30.28 9.34 8.66
N LEU A 49 -29.27 9.05 9.57
CA LEU A 49 -29.39 8.15 10.72
C LEU A 49 -30.42 8.59 11.83
N LEU A 50 -30.67 9.87 11.96
CA LEU A 50 -31.63 10.49 12.91
C LEU A 50 -32.98 10.45 12.17
N GLY A 51 -32.99 10.55 10.78
CA GLY A 51 -34.20 10.56 10.00
C GLY A 51 -35.06 9.33 10.11
N GLU A 52 -34.34 8.15 10.06
CA GLU A 52 -35.02 6.87 10.27
C GLU A 52 -35.56 6.78 11.73
N ALA A 53 -34.79 7.30 12.70
CA ALA A 53 -35.09 7.28 14.08
C ALA A 53 -36.34 8.15 14.41
N THR A 54 -36.55 9.42 13.86
CA THR A 54 -37.51 10.35 14.23
C THR A 54 -38.69 10.34 13.32
N GLU A 55 -38.95 9.11 12.68
CA GLU A 55 -39.96 8.88 11.67
C GLU A 55 -40.10 10.00 10.64
N GLY A 56 -38.99 10.64 10.23
CA GLY A 56 -38.90 11.66 9.26
C GLY A 56 -39.53 13.05 9.67
N ARG A 57 -39.03 13.62 10.75
CA ARG A 57 -39.42 14.81 11.41
C ARG A 57 -38.27 15.78 11.38
N ILE A 58 -37.07 15.19 11.37
CA ILE A 58 -35.79 15.85 11.31
C ILE A 58 -35.12 15.21 10.09
N SER A 59 -34.52 16.02 9.24
CA SER A 59 -33.88 15.51 8.02
C SER A 59 -32.43 15.94 7.91
N ALA A 60 -31.71 15.36 6.96
CA ALA A 60 -30.30 15.67 6.74
C ALA A 60 -30.11 17.14 6.38
N ILE A 61 -31.03 17.70 5.58
CA ILE A 61 -30.98 19.10 5.21
C ILE A 61 -31.15 19.96 6.47
N GLU A 62 -32.03 19.55 7.38
CA GLU A 62 -32.21 20.27 8.63
C GLU A 62 -30.85 20.18 9.29
N SER A 63 -30.24 19.00 9.20
CA SER A 63 -28.91 18.82 9.68
C SER A 63 -27.86 19.71 9.00
N LEU A 64 -27.92 19.91 7.61
CA LEU A 64 -27.04 20.75 6.83
C LEU A 64 -27.29 22.13 7.34
N PHE A 65 -28.58 22.59 7.57
CA PHE A 65 -28.82 23.91 7.97
C PHE A 65 -28.27 24.29 9.30
N GLY A 66 -28.45 23.38 10.29
CA GLY A 66 -27.85 23.58 11.63
C GLY A 66 -26.35 23.57 11.65
N ALA A 67 -25.74 22.64 10.83
CA ALA A 67 -24.27 22.55 10.68
C ALA A 67 -23.67 23.77 10.06
N SER A 68 -24.32 24.31 8.97
CA SER A 68 -23.84 25.49 8.31
C SER A 68 -23.84 26.60 9.25
N MET A 69 -24.98 26.88 9.99
CA MET A 69 -24.97 27.88 11.06
C MET A 69 -23.99 27.64 12.23
N THR A 70 -23.89 26.36 12.78
CA THR A 70 -23.16 26.04 13.93
C THR A 70 -21.71 26.35 13.69
N GLY A 71 -21.19 25.91 12.56
CA GLY A 71 -19.83 26.21 12.15
C GLY A 71 -19.55 27.67 11.82
N ILE A 72 -20.49 28.32 11.11
CA ILE A 72 -20.32 29.73 10.71
C ILE A 72 -20.20 30.70 11.88
N ALA A 73 -21.07 30.52 12.86
CA ALA A 73 -21.05 31.31 14.05
C ALA A 73 -19.90 31.02 14.95
N TYR A 74 -19.57 29.76 15.15
CA TYR A 74 -18.45 29.34 15.98
C TYR A 74 -17.06 29.86 15.47
N SER A 75 -16.76 29.74 14.17
CA SER A 75 -15.50 30.16 13.66
C SER A 75 -15.38 31.72 13.65
N LEU A 76 -16.54 32.40 13.96
CA LEU A 76 -16.53 33.85 14.11
C LEU A 76 -16.45 34.25 15.51
N PHE A 77 -16.98 33.48 16.37
CA PHE A 77 -17.41 33.94 17.71
C PHE A 77 -16.99 33.08 18.90
N ALA A 78 -15.82 32.35 18.69
CA ALA A 78 -15.40 31.54 19.69
C ALA A 78 -14.06 31.94 20.30
N GLY A 79 -13.34 31.07 21.03
CA GLY A 79 -12.10 31.39 21.71
C GLY A 79 -10.98 30.47 21.28
N GLN A 80 -11.43 29.41 20.59
CA GLN A 80 -10.60 28.54 19.84
C GLN A 80 -11.15 28.33 18.41
N PRO A 81 -10.66 28.94 17.32
CA PRO A 81 -11.17 28.79 15.96
C PRO A 81 -10.75 27.49 15.22
N LEU A 82 -10.02 26.56 15.89
CA LEU A 82 -9.60 25.35 15.25
C LEU A 82 -10.37 24.13 15.70
N THR A 83 -11.52 24.32 16.47
CA THR A 83 -12.33 23.28 17.05
C THR A 83 -13.43 23.24 16.00
N ILE A 84 -13.82 22.00 15.71
CA ILE A 84 -14.92 21.74 14.83
C ILE A 84 -15.90 20.80 15.53
N LEU A 85 -17.08 21.35 15.74
CA LEU A 85 -18.27 20.75 16.37
C LEU A 85 -18.96 19.82 15.39
N GLY A 86 -18.78 18.52 15.72
CA GLY A 86 -19.08 17.40 14.84
C GLY A 86 -20.20 16.57 15.36
N SER A 87 -20.82 15.71 14.55
CA SER A 87 -21.88 14.72 14.89
C SER A 87 -21.31 13.59 15.70
N THR A 88 -21.72 13.59 16.97
CA THR A 88 -21.18 12.79 18.08
C THR A 88 -22.32 11.95 18.64
N GLY A 89 -21.94 10.79 19.17
CA GLY A 89 -22.79 9.76 19.86
C GLY A 89 -23.86 10.24 20.86
N PRO A 90 -23.49 10.96 21.94
CA PRO A 90 -24.43 11.50 22.86
C PRO A 90 -25.70 12.13 22.31
N VAL A 91 -25.63 12.89 21.22
CA VAL A 91 -26.82 13.40 20.63
C VAL A 91 -27.87 12.42 20.17
N LEU A 92 -27.39 11.34 19.51
CA LEU A 92 -28.22 10.37 18.92
C LEU A 92 -28.98 9.63 19.95
N VAL A 93 -28.30 9.20 21.02
CA VAL A 93 -28.87 8.38 22.06
C VAL A 93 -29.90 9.18 22.88
N PHE A 94 -29.54 10.51 23.14
CA PHE A 94 -30.42 11.43 23.81
C PHE A 94 -31.70 11.57 23.11
N GLU A 95 -31.66 11.74 21.75
CA GLU A 95 -32.77 11.83 20.90
C GLU A 95 -33.56 10.57 20.80
N LYS A 96 -32.92 9.39 20.81
CA LYS A 96 -33.66 8.17 20.89
C LYS A 96 -34.55 8.02 22.08
N ILE A 97 -33.91 8.18 23.24
CA ILE A 97 -34.58 8.01 24.53
C ILE A 97 -35.69 9.02 24.68
N LEU A 98 -35.40 10.25 24.27
CA LEU A 98 -36.40 11.33 24.30
C LEU A 98 -37.61 10.93 23.46
N PHE A 99 -37.38 10.41 22.24
CA PHE A 99 -38.46 9.93 21.31
C PHE A 99 -39.26 8.84 21.95
N LYS A 100 -38.54 7.87 22.64
CA LYS A 100 -39.13 6.75 23.42
C LYS A 100 -40.01 7.30 24.65
N PHE A 101 -39.48 8.29 25.39
CA PHE A 101 -40.20 9.00 26.45
C PHE A 101 -41.49 9.82 25.92
N CYS A 102 -41.47 10.19 24.62
CA CYS A 102 -42.58 10.94 24.01
C CYS A 102 -43.44 9.94 23.25
N LYS A 103 -43.63 8.70 23.91
CA LYS A 103 -44.68 7.77 23.45
C LYS A 103 -45.83 7.55 24.37
N ASP A 104 -45.56 7.89 25.65
CA ASP A 104 -46.55 8.10 26.68
C ASP A 104 -46.37 9.64 26.85
N TYR A 105 -47.50 10.33 26.86
CA TYR A 105 -47.51 11.78 27.06
C TYR A 105 -46.60 12.50 26.08
N ALA A 106 -46.57 12.06 24.83
CA ALA A 106 -45.73 12.70 23.83
C ALA A 106 -46.50 13.01 22.55
N LEU A 107 -47.40 13.98 22.63
CA LEU A 107 -48.19 14.37 21.46
C LEU A 107 -47.27 14.93 20.39
N SER A 108 -46.30 15.75 20.81
CA SER A 108 -45.36 16.37 19.89
C SER A 108 -43.90 16.13 20.28
N TYR A 109 -43.09 15.74 19.30
CA TYR A 109 -41.68 15.51 19.51
C TYR A 109 -40.85 16.76 19.37
N LEU A 110 -41.12 17.57 18.32
CA LEU A 110 -40.33 18.75 17.96
C LEU A 110 -40.41 19.85 18.99
N SER A 111 -41.69 20.15 19.47
CA SER A 111 -41.91 21.04 20.52
C SER A 111 -41.24 20.59 21.82
N LEU A 112 -41.34 19.23 22.19
CA LEU A 112 -40.67 18.77 23.43
C LEU A 112 -39.12 18.91 23.41
N ARG A 113 -38.47 18.57 22.30
CA ARG A 113 -37.04 18.71 22.12
C ARG A 113 -36.57 20.13 22.16
N ALA A 114 -37.41 21.11 21.55
CA ALA A 114 -37.14 22.53 21.55
C ALA A 114 -37.19 23.11 22.96
N CYS A 115 -38.19 22.70 23.81
CA CYS A 115 -38.23 23.09 25.16
C CYS A 115 -37.03 22.63 25.99
N ILE A 116 -36.60 21.39 25.77
CA ILE A 116 -35.42 20.89 26.43
C ILE A 116 -34.18 21.66 25.95
N GLY A 117 -34.11 21.98 24.65
CA GLY A 117 -32.96 22.68 24.13
C GLY A 117 -32.75 24.03 24.70
N LEU A 118 -33.87 24.83 24.92
CA LEU A 118 -33.83 26.12 25.53
C LEU A 118 -33.38 26.08 27.01
N TRP A 119 -33.90 25.06 27.77
CA TRP A 119 -33.53 24.74 29.16
C TRP A 119 -32.14 24.34 29.37
N THR A 120 -31.54 23.47 28.56
CA THR A 120 -30.15 23.09 28.71
C THR A 120 -29.24 24.26 28.25
N ALA A 121 -29.68 25.14 27.31
CA ALA A 121 -29.01 26.29 26.85
C ALA A 121 -28.86 27.27 27.95
N PHE A 122 -30.01 27.47 28.66
CA PHE A 122 -30.16 28.26 29.81
C PHE A 122 -29.31 27.85 31.03
N LEU A 123 -29.25 26.51 31.22
CA LEU A 123 -28.42 25.96 32.26
C LEU A 123 -27.02 26.24 31.89
N CYS A 124 -26.54 26.14 30.63
CA CYS A 124 -25.17 26.52 30.33
C CYS A 124 -24.95 28.03 30.55
N ILE A 125 -26.00 28.84 30.38
CA ILE A 125 -25.94 30.29 30.59
C ILE A 125 -25.68 30.66 32.05
N VAL A 126 -26.35 30.00 32.99
CA VAL A 126 -26.03 30.31 34.38
C VAL A 126 -24.64 29.75 34.75
N LEU A 127 -24.30 28.58 34.14
CA LEU A 127 -22.98 27.94 34.36
C LEU A 127 -21.77 28.71 33.84
N VAL A 128 -21.92 29.28 32.62
CA VAL A 128 -21.01 30.12 31.88
C VAL A 128 -20.91 31.54 32.46
N ALA A 129 -21.99 32.02 33.23
CA ALA A 129 -22.01 33.29 33.91
C ALA A 129 -20.94 33.38 34.99
N THR A 130 -20.84 32.23 35.79
CA THR A 130 -20.01 32.24 36.97
C THR A 130 -18.60 31.69 36.90
N ASP A 131 -18.43 30.33 36.76
CA ASP A 131 -17.21 29.68 37.06
C ASP A 131 -16.92 28.63 36.02
N ALA A 132 -17.14 28.97 34.77
CA ALA A 132 -16.83 28.00 33.72
C ALA A 132 -15.33 27.72 33.68
N SER A 133 -14.56 28.80 33.75
CA SER A 133 -13.09 28.76 33.71
C SER A 133 -12.31 28.12 34.86
N SER A 134 -12.73 28.38 36.10
CA SER A 134 -12.00 27.90 37.28
C SER A 134 -11.87 26.38 37.46
N LEU A 135 -12.96 25.67 37.15
CA LEU A 135 -13.00 24.18 37.33
C LEU A 135 -12.24 23.48 36.21
N VAL A 136 -11.79 24.21 35.19
CA VAL A 136 -11.00 23.61 34.08
C VAL A 136 -9.70 23.06 34.67
N CYS A 137 -9.10 23.78 35.62
CA CYS A 137 -7.78 23.39 36.20
C CYS A 137 -7.80 21.97 36.81
N TYR A 138 -8.97 21.43 37.17
CA TYR A 138 -8.97 20.16 37.82
C TYR A 138 -8.75 18.98 36.88
N ILE A 139 -9.00 19.23 35.60
CA ILE A 139 -8.75 18.31 34.53
C ILE A 139 -7.26 18.42 34.26
N THR A 140 -6.65 17.32 33.83
CA THR A 140 -5.27 17.30 33.60
C THR A 140 -4.98 16.30 32.48
N ARG A 141 -3.65 16.08 32.16
CA ARG A 141 -3.18 15.21 31.11
C ARG A 141 -3.60 13.75 31.18
N PHE A 142 -3.63 13.13 32.42
CA PHE A 142 -4.12 11.82 32.66
C PHE A 142 -5.39 11.51 32.00
N THR A 143 -6.42 12.30 32.37
CA THR A 143 -7.79 12.12 31.95
C THR A 143 -8.08 12.44 30.48
N GLU A 144 -7.48 13.52 29.99
CA GLU A 144 -7.62 14.11 28.70
C GLU A 144 -6.97 13.16 27.65
N GLU A 145 -5.77 12.57 27.95
CA GLU A 145 -5.07 11.64 27.05
C GLU A 145 -5.75 10.31 26.98
N ALA A 146 -6.32 9.80 28.15
CA ALA A 146 -7.06 8.62 28.29
C ALA A 146 -8.30 8.66 27.43
N PHE A 147 -8.97 9.85 27.46
CA PHE A 147 -10.22 10.14 26.83
C PHE A 147 -10.03 10.22 25.38
N ALA A 148 -9.04 10.98 24.92
CA ALA A 148 -8.66 11.30 23.58
C ALA A 148 -8.19 10.10 22.82
N SER A 149 -7.33 9.24 23.45
CA SER A 149 -6.71 8.11 22.80
C SER A 149 -7.75 7.10 22.36
N LEU A 150 -8.74 6.94 23.26
CA LEU A 150 -9.85 6.08 23.02
C LEU A 150 -10.69 6.55 21.86
N ILE A 151 -10.95 7.86 21.79
CA ILE A 151 -11.74 8.42 20.70
C ILE A 151 -11.08 8.25 19.32
N CYS A 152 -9.78 8.49 19.24
CA CYS A 152 -9.03 8.30 18.02
C CYS A 152 -8.93 6.84 17.63
N ILE A 153 -8.78 5.94 18.60
CA ILE A 153 -8.74 4.52 18.31
C ILE A 153 -10.08 4.07 17.72
N ILE A 154 -11.17 4.58 18.30
CA ILE A 154 -12.53 4.25 17.85
C ILE A 154 -12.77 4.73 16.43
N PHE A 155 -12.32 5.95 16.17
CA PHE A 155 -12.43 6.58 14.87
C PHE A 155 -11.73 5.81 13.80
N ILE A 156 -10.52 5.32 14.09
CA ILE A 156 -9.77 4.49 13.15
C ILE A 156 -10.55 3.19 12.86
N TYR A 157 -11.06 2.56 13.92
CA TYR A 157 -11.91 1.39 13.81
C TYR A 157 -13.10 1.57 13.00
N GLU A 158 -13.88 2.64 13.13
CA GLU A 158 -15.08 2.82 12.27
C GLU A 158 -14.75 3.23 10.80
N ALA A 159 -13.52 3.77 10.48
CA ALA A 159 -13.08 3.88 9.10
C ALA A 159 -13.03 2.48 8.37
N ILE A 160 -12.32 1.60 9.05
CA ILE A 160 -12.20 0.21 8.64
C ILE A 160 -13.54 -0.55 8.72
N GLU A 161 -14.32 -0.29 9.76
CA GLU A 161 -15.56 -0.95 10.05
C GLU A 161 -16.62 -0.57 9.06
N LYS A 162 -16.67 0.72 8.71
CA LYS A 162 -17.64 1.20 7.73
C LYS A 162 -17.37 0.54 6.39
N LEU A 163 -16.09 0.37 6.06
CA LEU A 163 -15.67 -0.27 4.82
C LEU A 163 -16.16 -1.71 4.78
N ILE A 164 -16.06 -2.39 5.92
CA ILE A 164 -16.52 -3.77 6.05
C ILE A 164 -18.03 -3.85 5.83
N HIS A 165 -18.75 -2.86 6.35
CA HIS A 165 -20.20 -2.77 6.20
C HIS A 165 -20.58 -2.65 4.73
N LEU A 166 -19.80 -1.87 3.98
CA LEU A 166 -20.08 -1.67 2.57
C LEU A 166 -19.98 -3.03 1.89
N ALA A 167 -18.99 -3.83 2.28
CA ALA A 167 -18.86 -5.16 1.73
C ALA A 167 -19.91 -6.12 2.16
N GLU A 168 -20.49 -5.84 3.39
CA GLU A 168 -21.56 -6.61 3.92
C GLU A 168 -22.94 -6.33 3.22
N THR A 169 -23.19 -5.02 2.94
CA THR A 169 -24.45 -4.54 2.31
C THR A 169 -24.38 -4.69 0.79
N TYR A 170 -23.22 -4.92 0.19
CA TYR A 170 -23.12 -5.14 -1.24
C TYR A 170 -22.39 -6.48 -1.25
N PRO A 171 -23.08 -7.65 -1.02
CA PRO A 171 -22.49 -8.98 -0.81
C PRO A 171 -21.53 -9.44 -1.93
N ILE A 172 -20.55 -10.30 -1.59
CA ILE A 172 -19.47 -10.70 -2.42
C ILE A 172 -19.38 -12.21 -2.38
N HIS A 173 -18.82 -12.75 -3.48
CA HIS A 173 -18.72 -14.19 -3.70
C HIS A 173 -17.41 -14.76 -3.07
N MET A 174 -17.46 -15.84 -2.29
CA MET A 174 -16.24 -16.39 -1.72
C MET A 174 -15.30 -16.87 -2.82
N HIS A 175 -15.86 -17.63 -3.76
CA HIS A 175 -15.09 -18.08 -4.91
C HIS A 175 -15.87 -17.93 -6.22
N SER A 176 -15.33 -17.16 -7.15
CA SER A 176 -15.93 -17.05 -8.48
C SER A 176 -15.69 -18.31 -9.31
N GLN A 177 -14.47 -18.83 -9.17
CA GLN A 177 -13.98 -19.99 -9.88
C GLN A 177 -14.47 -19.92 -11.35
N LEU A 178 -13.79 -19.05 -12.11
CA LEU A 178 -14.17 -18.51 -13.43
C LEU A 178 -14.81 -19.31 -14.50
N ASP A 179 -14.50 -20.60 -14.61
CA ASP A 179 -15.05 -21.46 -15.67
C ASP A 179 -16.53 -21.53 -15.66
N HIS A 180 -17.08 -21.72 -14.38
CA HIS A 180 -18.53 -21.62 -14.19
C HIS A 180 -19.17 -20.20 -14.03
N LEU A 181 -18.44 -19.12 -14.31
CA LEU A 181 -18.88 -17.73 -14.22
C LEU A 181 -20.05 -17.39 -15.08
N SER A 182 -19.90 -17.90 -16.29
CA SER A 182 -20.93 -17.88 -17.25
C SER A 182 -22.13 -18.68 -17.09
N LEU A 183 -22.08 -19.63 -16.12
CA LEU A 183 -23.16 -20.59 -15.81
C LEU A 183 -24.09 -19.97 -14.77
N TYR A 184 -23.58 -18.98 -14.05
CA TYR A 184 -24.26 -18.39 -12.92
C TYR A 184 -25.41 -17.52 -13.38
N TYR A 185 -26.36 -17.37 -12.52
CA TYR A 185 -27.59 -16.61 -12.81
C TYR A 185 -28.20 -16.27 -11.55
N CYS A 186 -29.06 -15.25 -11.57
CA CYS A 186 -29.97 -15.05 -10.52
C CYS A 186 -30.97 -14.09 -11.10
N ARG A 187 -32.26 -14.49 -10.83
CA ARG A 187 -33.37 -13.76 -11.31
C ARG A 187 -34.23 -13.66 -10.17
N CYS A 188 -35.17 -12.63 -10.08
CA CYS A 188 -36.12 -12.40 -9.06
C CYS A 188 -37.29 -13.33 -9.35
N ALA A 189 -38.14 -13.74 -8.39
CA ALA A 189 -39.10 -14.73 -8.55
C ALA A 189 -40.10 -14.50 -7.47
N LEU A 190 -41.31 -15.15 -7.63
CA LEU A 190 -42.32 -15.06 -6.60
C LEU A 190 -41.88 -15.79 -5.38
N PRO A 191 -42.13 -15.39 -4.10
CA PRO A 191 -41.86 -16.25 -2.90
C PRO A 191 -42.62 -17.54 -2.84
N GLU A 192 -41.92 -18.67 -2.67
CA GLU A 192 -42.56 -19.97 -2.56
C GLU A 192 -42.70 -20.23 -1.07
N ASN A 193 -43.88 -20.71 -0.65
CA ASN A 193 -44.16 -20.96 0.77
C ASN A 193 -43.86 -19.68 1.54
N PRO A 194 -44.48 -18.58 1.09
CA PRO A 194 -44.27 -17.21 1.59
C PRO A 194 -44.47 -17.01 3.09
N ASN A 195 -43.56 -16.21 3.66
CA ASN A 195 -43.57 -15.89 5.08
C ASN A 195 -44.73 -14.95 5.42
N ASN A 196 -45.17 -14.96 6.68
CA ASN A 196 -46.28 -14.11 7.10
C ASN A 196 -45.93 -12.64 6.91
N HIS A 197 -44.69 -12.27 7.25
CA HIS A 197 -44.22 -10.86 7.06
C HIS A 197 -44.34 -10.37 5.59
N THR A 198 -43.76 -11.06 4.53
CA THR A 198 -43.88 -10.63 3.18
C THR A 198 -45.26 -10.75 2.61
N LEU A 199 -46.08 -11.73 3.20
CA LEU A 199 -47.44 -11.91 2.87
C LEU A 199 -48.17 -10.69 3.23
N GLN A 200 -48.04 -10.22 4.48
CA GLN A 200 -48.64 -8.97 4.92
C GLN A 200 -48.16 -7.74 4.18
N TYR A 201 -46.86 -7.44 4.01
CA TYR A 201 -46.36 -6.34 3.31
C TYR A 201 -47.01 -6.25 1.87
N TRP A 202 -47.08 -7.38 1.18
CA TRP A 202 -47.60 -7.44 -0.18
C TRP A 202 -49.08 -6.94 -0.25
N LYS A 203 -49.91 -7.33 0.74
CA LYS A 203 -51.34 -7.32 0.73
C LYS A 203 -51.83 -5.93 0.80
N GLU A 204 -51.43 -5.30 1.98
CA GLU A 204 -51.87 -3.97 2.35
C GLU A 204 -51.34 -2.84 1.50
N HIS A 205 -50.18 -3.06 0.87
CA HIS A 205 -49.61 -2.04 -0.05
C HIS A 205 -50.34 -2.13 -1.39
N SER A 206 -51.14 -3.19 -1.61
CA SER A 206 -51.95 -3.35 -2.85
C SER A 206 -51.13 -3.23 -4.14
N ILE A 207 -50.39 -4.28 -4.51
CA ILE A 207 -49.64 -4.29 -5.81
C ILE A 207 -50.06 -5.55 -6.56
N PRO A 208 -51.17 -5.55 -7.33
CA PRO A 208 -51.69 -6.77 -7.98
C PRO A 208 -50.91 -7.32 -9.18
N THR A 209 -51.10 -8.61 -9.52
CA THR A 209 -50.47 -9.24 -10.71
C THR A 209 -48.94 -9.01 -10.76
N ALA A 210 -48.25 -9.27 -9.66
CA ALA A 210 -46.77 -9.12 -9.63
C ALA A 210 -46.12 -10.30 -10.37
N ASP A 211 -46.85 -11.38 -10.63
CA ASP A 211 -46.33 -12.54 -11.35
C ASP A 211 -45.76 -12.13 -12.71
N VAL A 212 -46.43 -11.23 -13.48
CA VAL A 212 -45.97 -10.79 -14.78
C VAL A 212 -44.74 -9.90 -14.66
N ASN A 213 -44.34 -9.53 -13.39
CA ASN A 213 -43.30 -8.55 -13.20
C ASN A 213 -42.09 -9.37 -12.78
N TRP A 214 -42.37 -10.53 -12.15
CA TRP A 214 -41.37 -11.27 -11.42
C TRP A 214 -40.67 -12.32 -12.32
N ALA A 215 -40.73 -12.14 -13.65
CA ALA A 215 -39.98 -13.06 -14.48
C ALA A 215 -38.53 -12.75 -14.14
N ASN A 216 -38.22 -11.45 -14.08
CA ASN A 216 -36.90 -10.94 -13.72
C ASN A 216 -36.95 -9.45 -13.35
N LEU A 217 -37.14 -9.11 -12.07
CA LEU A 217 -37.15 -7.68 -11.71
C LEU A 217 -35.72 -7.29 -11.46
N THR A 218 -35.37 -5.98 -11.67
CA THR A 218 -34.12 -5.30 -11.32
C THR A 218 -33.97 -5.38 -9.82
N VAL A 219 -32.63 -5.21 -9.33
CA VAL A 219 -32.20 -5.37 -7.91
C VAL A 219 -32.93 -4.37 -7.02
N SER A 220 -33.15 -3.11 -7.44
CA SER A 220 -33.83 -2.18 -6.63
C SER A 220 -35.23 -2.57 -6.41
N GLU A 221 -35.95 -2.92 -7.53
CA GLU A 221 -37.34 -3.29 -7.48
C GLU A 221 -37.70 -4.51 -6.71
N CYS A 222 -36.99 -5.66 -6.86
CA CYS A 222 -37.12 -6.92 -6.11
C CYS A 222 -36.83 -6.83 -4.66
N GLN A 223 -35.84 -5.99 -4.24
CA GLN A 223 -35.48 -5.84 -2.93
C GLN A 223 -36.43 -5.03 -1.94
N GLU A 224 -37.40 -4.27 -2.57
CA GLU A 224 -38.45 -3.54 -1.83
C GLU A 224 -39.78 -4.26 -2.08
N MET A 225 -39.78 -5.24 -3.00
CA MET A 225 -41.01 -6.02 -3.30
C MET A 225 -41.04 -7.23 -2.36
N HIS A 226 -39.97 -7.43 -1.58
CA HIS A 226 -39.88 -8.60 -0.66
C HIS A 226 -39.99 -9.89 -1.46
N GLY A 227 -39.39 -9.94 -2.66
CA GLY A 227 -39.43 -11.15 -3.50
C GLY A 227 -38.18 -11.98 -3.32
N GLU A 228 -38.26 -13.29 -3.59
CA GLU A 228 -37.11 -14.19 -3.39
C GLU A 228 -36.20 -14.16 -4.54
N PHE A 229 -34.91 -14.02 -4.29
CA PHE A 229 -33.97 -14.02 -5.39
C PHE A 229 -33.45 -15.44 -5.54
N ILE A 230 -33.77 -16.08 -6.65
CA ILE A 230 -33.50 -17.50 -6.81
C ILE A 230 -32.53 -17.73 -7.95
N GLY A 231 -31.46 -18.43 -7.66
CA GLY A 231 -30.45 -18.72 -8.66
C GLY A 231 -29.19 -19.27 -8.04
N SER A 232 -28.16 -19.39 -8.86
CA SER A 232 -26.86 -19.88 -8.43
C SER A 232 -26.03 -18.72 -8.02
N ALA A 233 -26.30 -17.43 -8.39
CA ALA A 233 -25.41 -16.30 -8.04
C ALA A 233 -25.91 -15.68 -6.78
N CYS A 234 -27.09 -16.12 -6.31
CA CYS A 234 -27.74 -15.76 -5.06
C CYS A 234 -27.64 -16.99 -4.16
N GLY A 235 -26.66 -16.91 -3.28
CA GLY A 235 -26.46 -17.87 -2.21
C GLY A 235 -27.28 -17.32 -1.03
N HIS A 236 -27.31 -15.98 -1.00
CA HIS A 236 -28.02 -15.18 -0.03
C HIS A 236 -29.12 -14.42 -0.77
N HIS A 237 -29.64 -13.36 -0.17
CA HIS A 237 -30.72 -12.57 -0.77
C HIS A 237 -30.42 -11.88 -2.10
N GLY A 238 -29.22 -11.35 -2.28
CA GLY A 238 -28.89 -10.64 -3.52
C GLY A 238 -27.67 -11.15 -4.27
N PRO A 239 -27.66 -10.96 -5.60
CA PRO A 239 -26.57 -11.41 -6.43
C PRO A 239 -25.25 -10.78 -5.99
N TYR A 240 -24.14 -11.57 -6.13
CA TYR A 240 -22.77 -11.13 -5.86
C TYR A 240 -22.28 -10.03 -6.81
N THR A 241 -21.94 -8.85 -6.28
CA THR A 241 -21.30 -7.66 -6.92
C THR A 241 -19.91 -8.01 -7.51
N PRO A 242 -19.59 -7.52 -8.68
CA PRO A 242 -18.44 -8.06 -9.44
C PRO A 242 -17.23 -7.32 -8.97
N ASP A 243 -17.36 -5.98 -8.66
CA ASP A 243 -16.17 -5.10 -8.63
C ASP A 243 -16.26 -4.16 -7.46
N VAL A 244 -17.33 -3.98 -6.66
CA VAL A 244 -17.47 -2.97 -5.63
C VAL A 244 -16.55 -3.04 -4.51
N LEU A 245 -16.19 -4.25 -4.00
CA LEU A 245 -15.27 -4.47 -2.91
C LEU A 245 -13.89 -4.07 -3.22
N PHE A 246 -13.39 -4.47 -4.38
CA PHE A 246 -12.00 -4.27 -4.73
C PHE A 246 -11.72 -2.88 -5.13
N TRP A 247 -12.66 -2.19 -5.82
CA TRP A 247 -12.58 -0.75 -6.08
C TRP A 247 -12.68 0.13 -4.85
N SER A 248 -13.51 -0.19 -3.82
CA SER A 248 -13.63 0.57 -2.63
C SER A 248 -12.37 0.42 -1.87
N CYS A 249 -11.75 -0.82 -1.72
CA CYS A 249 -10.54 -1.05 -1.09
C CYS A 249 -9.42 -0.36 -1.74
N ILE A 250 -9.36 -0.27 -3.13
CA ILE A 250 -8.33 0.47 -3.83
C ILE A 250 -8.42 1.95 -3.50
N LEU A 251 -9.64 2.58 -3.48
CA LEU A 251 -9.75 3.98 -3.10
C LEU A 251 -9.26 4.21 -1.68
N PHE A 252 -9.66 3.35 -0.69
CA PHE A 252 -9.39 3.34 0.73
C PHE A 252 -7.89 3.33 1.03
N PHE A 253 -7.15 2.25 0.51
CA PHE A 253 -5.77 2.09 0.78
C PHE A 253 -4.99 3.23 0.07
N ALA A 254 -5.45 3.49 -1.18
CA ALA A 254 -4.68 4.39 -1.98
C ALA A 254 -4.59 5.79 -1.44
N THR A 255 -5.71 6.25 -0.96
CA THR A 255 -5.85 7.52 -0.31
C THR A 255 -5.08 7.58 0.96
N PHE A 256 -5.20 6.49 1.77
CA PHE A 256 -4.41 6.39 3.06
C PHE A 256 -2.90 6.38 2.82
N ILE A 257 -2.39 5.86 1.62
CA ILE A 257 -0.95 5.73 1.40
C ILE A 257 -0.45 7.06 0.78
N VAL A 258 -1.12 7.57 -0.31
CA VAL A 258 -0.66 8.71 -1.01
C VAL A 258 -0.69 9.97 -0.08
N SER A 259 -1.73 10.21 0.76
CA SER A 259 -1.73 11.40 1.63
C SER A 259 -0.63 11.45 2.71
N SER A 260 -0.34 10.28 3.35
CA SER A 260 0.73 10.22 4.23
C SER A 260 2.12 10.26 3.56
N THR A 261 2.28 9.79 2.27
CA THR A 261 3.51 9.87 1.53
C THR A 261 3.79 11.36 1.27
N LEU A 262 2.72 12.03 0.73
CA LEU A 262 2.80 13.42 0.36
C LEU A 262 3.05 14.27 1.52
N LYS A 263 2.41 14.01 2.70
CA LYS A 263 2.56 14.83 3.86
C LYS A 263 3.97 14.79 4.46
N THR A 264 4.84 13.71 4.19
CA THR A 264 6.22 13.55 4.65
C THR A 264 7.18 13.96 3.63
N PHE A 265 6.78 14.44 2.41
CA PHE A 265 7.57 14.94 1.33
C PHE A 265 8.31 16.20 1.81
N LYS A 266 7.83 16.85 2.88
CA LYS A 266 8.54 17.99 3.48
C LYS A 266 9.89 17.57 3.92
N THR A 267 10.06 16.38 4.42
CA THR A 267 11.36 15.90 4.94
C THR A 267 12.07 15.04 3.88
N SER A 268 11.52 14.99 2.66
CA SER A 268 12.24 14.35 1.53
C SER A 268 13.02 15.51 0.88
N ARG A 269 13.83 15.26 -0.14
CA ARG A 269 14.63 16.40 -0.68
C ARG A 269 14.74 16.33 -2.21
N TYR A 270 13.62 16.12 -2.91
CA TYR A 270 13.68 16.10 -4.35
C TYR A 270 13.66 17.53 -4.94
N PHE A 271 13.26 18.68 -4.31
CA PHE A 271 13.11 19.96 -4.92
C PHE A 271 13.57 20.97 -3.97
N PRO A 272 13.77 22.25 -4.43
CA PRO A 272 13.85 23.46 -3.54
C PRO A 272 12.73 23.53 -2.49
N THR A 273 12.95 23.99 -1.24
CA THR A 273 12.03 23.87 -0.14
C THR A 273 10.71 24.60 -0.38
N ARG A 274 10.82 25.76 -1.00
CA ARG A 274 9.64 26.59 -1.21
C ARG A 274 8.51 25.95 -2.02
N VAL A 275 8.87 25.20 -3.05
CA VAL A 275 7.89 24.54 -3.91
C VAL A 275 7.60 23.12 -3.35
N ARG A 276 8.40 22.59 -2.40
CA ARG A 276 8.31 21.33 -1.79
C ARG A 276 7.10 21.38 -0.86
N SER A 277 7.13 22.37 0.12
CA SER A 277 6.21 22.40 1.20
C SER A 277 4.77 22.60 0.76
N THR A 278 4.57 23.37 -0.31
CA THR A 278 3.24 23.65 -0.82
C THR A 278 2.52 22.37 -1.27
N VAL A 279 3.26 21.44 -1.86
CA VAL A 279 2.67 20.19 -2.34
C VAL A 279 2.09 19.30 -1.24
N SER A 280 2.78 19.24 -0.10
CA SER A 280 2.34 18.40 1.03
C SER A 280 0.99 18.79 1.63
N ASP A 281 0.75 20.08 1.79
CA ASP A 281 -0.51 20.55 2.36
C ASP A 281 -1.71 20.18 1.49
N PHE A 282 -1.56 20.27 0.18
CA PHE A 282 -2.68 19.99 -0.72
C PHE A 282 -2.85 18.52 -1.04
N ALA A 283 -1.98 17.68 -0.48
CA ALA A 283 -2.01 16.25 -0.77
C ALA A 283 -3.39 15.64 -0.57
N VAL A 284 -4.11 16.05 0.48
CA VAL A 284 -5.45 15.53 0.72
C VAL A 284 -6.29 15.95 -0.48
N PHE A 285 -6.06 17.18 -0.92
CA PHE A 285 -6.72 17.76 -2.08
C PHE A 285 -6.28 17.04 -3.35
N LEU A 286 -4.97 16.70 -3.49
CA LEU A 286 -4.43 15.97 -4.59
C LEU A 286 -5.02 14.58 -4.68
N THR A 287 -5.18 13.88 -3.52
CA THR A 287 -5.78 12.48 -3.48
C THR A 287 -7.22 12.59 -3.95
N ILE A 288 -7.95 13.62 -3.43
CA ILE A 288 -9.32 13.84 -3.98
C ILE A 288 -9.36 14.09 -5.45
N PHE A 289 -8.46 14.93 -6.01
CA PHE A 289 -8.45 15.28 -7.42
C PHE A 289 -8.30 14.13 -8.31
N THR A 290 -7.31 13.29 -8.08
CA THR A 290 -6.98 12.20 -8.93
C THR A 290 -7.94 11.00 -8.80
N MET A 291 -8.50 10.66 -7.59
CA MET A 291 -9.48 9.68 -7.41
C MET A 291 -10.78 9.97 -7.94
N VAL A 292 -11.23 11.27 -7.99
CA VAL A 292 -12.50 11.65 -8.63
C VAL A 292 -12.48 11.39 -10.10
N ILE A 293 -11.31 11.72 -10.73
CA ILE A 293 -10.99 11.55 -12.10
C ILE A 293 -10.92 10.07 -12.54
N LEU A 294 -10.18 9.26 -11.75
CA LEU A 294 -10.06 7.86 -12.00
C LEU A 294 -11.40 7.21 -11.95
N ASP A 295 -12.29 7.46 -10.95
CA ASP A 295 -13.63 6.91 -10.85
C ASP A 295 -14.52 7.44 -11.96
N PHE A 296 -14.21 8.70 -12.50
CA PHE A 296 -15.01 9.30 -13.58
C PHE A 296 -14.86 8.46 -14.88
N LEU A 297 -13.64 8.00 -15.19
CA LEU A 297 -13.15 7.31 -16.31
C LEU A 297 -13.65 5.90 -16.43
N ILE A 298 -13.31 5.04 -15.47
CA ILE A 298 -13.71 3.61 -15.45
C ILE A 298 -14.52 3.56 -14.16
N GLY A 299 -15.85 3.36 -14.32
CA GLY A 299 -16.74 3.48 -13.25
C GLY A 299 -17.02 2.16 -12.58
N VAL A 300 -17.13 2.19 -11.25
CA VAL A 300 -17.54 0.98 -10.49
C VAL A 300 -18.60 1.55 -9.54
N PRO A 301 -19.91 1.39 -9.80
CA PRO A 301 -20.90 2.04 -8.96
C PRO A 301 -20.64 1.66 -7.50
N SER A 302 -20.48 2.67 -6.65
CA SER A 302 -20.22 2.45 -5.20
C SER A 302 -20.98 3.60 -4.54
N PRO A 303 -21.50 3.53 -3.30
CA PRO A 303 -22.32 4.67 -2.79
C PRO A 303 -21.66 6.09 -2.90
N LYS A 304 -22.46 7.24 -3.23
CA LYS A 304 -21.86 8.54 -3.52
C LYS A 304 -22.66 9.54 -2.76
N LEU A 305 -22.03 10.67 -2.36
CA LEU A 305 -22.49 11.58 -1.40
C LEU A 305 -23.39 12.66 -2.02
N GLN A 306 -24.67 12.58 -1.64
CA GLN A 306 -25.75 13.36 -2.09
C GLN A 306 -26.29 14.15 -0.91
N VAL A 307 -26.92 15.37 -1.19
CA VAL A 307 -27.42 16.36 -0.24
C VAL A 307 -28.75 16.78 -0.86
N PRO A 308 -29.79 17.14 -0.08
CA PRO A 308 -31.08 17.48 -0.60
C PRO A 308 -30.97 18.93 -1.18
N SER A 309 -31.05 19.05 -2.60
CA SER A 309 -30.97 20.32 -3.25
C SER A 309 -32.17 21.16 -3.05
N VAL A 310 -33.24 20.51 -2.66
CA VAL A 310 -34.58 21.04 -2.45
C VAL A 310 -34.58 21.50 -0.96
N PHE A 311 -34.94 22.72 -0.76
CA PHE A 311 -34.86 23.45 0.51
C PHE A 311 -36.30 23.64 0.91
N LYS A 312 -36.72 22.89 1.95
CA LYS A 312 -38.02 22.67 2.40
C LYS A 312 -38.03 22.11 3.79
N PRO A 313 -39.24 22.25 4.41
CA PRO A 313 -39.57 21.53 5.68
C PRO A 313 -39.80 20.10 5.34
N THR A 314 -39.73 19.24 6.34
CA THR A 314 -39.92 17.80 6.16
C THR A 314 -41.36 17.36 6.38
N ARG A 315 -41.85 16.55 5.44
CA ARG A 315 -43.19 15.91 5.37
C ARG A 315 -44.32 16.84 4.93
N ASP A 316 -43.97 18.08 4.58
CA ASP A 316 -44.94 19.05 4.08
C ASP A 316 -46.16 19.25 4.98
N ASP A 317 -45.96 19.31 6.30
CA ASP A 317 -47.09 19.49 7.21
C ASP A 317 -46.46 20.25 8.45
N ARG A 318 -45.18 20.57 8.31
CA ARG A 318 -44.45 21.28 9.35
C ARG A 318 -43.82 22.56 8.78
N GLY A 319 -44.19 23.70 9.36
CA GLY A 319 -43.65 24.98 8.92
C GLY A 319 -42.17 25.12 9.17
N TRP A 320 -41.50 25.89 8.31
CA TRP A 320 -40.07 26.11 8.44
C TRP A 320 -39.72 26.66 9.82
N PHE A 321 -40.23 27.86 10.08
CA PHE A 321 -39.97 28.58 11.31
C PHE A 321 -40.68 27.97 12.50
N ILE A 322 -41.60 27.05 12.19
CA ILE A 322 -42.41 26.35 13.17
C ILE A 322 -43.18 27.39 13.97
N SER A 323 -43.23 27.20 15.28
CA SER A 323 -43.92 28.13 16.16
C SER A 323 -43.45 27.95 17.60
N PRO A 324 -43.68 28.95 18.45
CA PRO A 324 -43.28 28.81 19.85
C PRO A 324 -44.13 27.70 20.48
N ILE A 325 -43.51 26.87 21.32
CA ILE A 325 -44.24 25.78 21.96
C ILE A 325 -45.33 26.31 22.89
N GLY A 326 -46.48 25.63 22.88
CA GLY A 326 -47.61 26.04 23.71
C GLY A 326 -48.67 24.97 23.81
N PRO A 327 -48.83 24.16 22.75
CA PRO A 327 -49.84 23.10 22.70
C PRO A 327 -49.66 22.04 23.77
N ASN A 328 -48.42 21.62 24.05
CA ASN A 328 -48.22 20.60 25.09
C ASN A 328 -48.73 20.99 26.48
N PRO A 329 -48.91 19.98 27.36
CA PRO A 329 -49.36 20.20 28.74
C PRO A 329 -48.31 21.10 29.40
N TRP A 330 -48.75 22.09 30.19
CA TRP A 330 -47.74 23.03 30.67
C TRP A 330 -46.70 22.30 31.49
N TRP A 331 -47.07 21.33 32.35
CA TRP A 331 -46.20 20.66 33.26
C TRP A 331 -45.04 19.92 32.68
N THR A 332 -45.17 19.29 31.45
CA THR A 332 -44.09 18.58 30.77
C THR A 332 -42.78 19.33 30.49
N VAL A 333 -42.96 20.66 30.18
CA VAL A 333 -41.95 21.68 29.98
C VAL A 333 -41.17 21.91 31.30
N ILE A 334 -41.89 21.93 32.47
CA ILE A 334 -41.23 22.01 33.77
C ILE A 334 -40.56 20.71 34.09
N ALA A 335 -41.18 19.57 33.75
CA ALA A 335 -40.59 18.25 34.00
C ALA A 335 -39.31 18.00 33.25
N ALA A 336 -39.04 18.78 32.08
CA ALA A 336 -37.90 18.69 31.23
C ALA A 336 -36.67 19.27 31.85
N ILE A 337 -36.79 19.91 33.07
CA ILE A 337 -35.67 20.40 33.77
C ILE A 337 -34.64 19.32 34.19
N ILE A 338 -35.11 18.16 34.76
CA ILE A 338 -34.31 17.05 35.17
C ILE A 338 -33.66 16.40 33.97
N PRO A 339 -34.29 15.95 32.79
CA PRO A 339 -33.55 15.36 31.67
C PRO A 339 -32.54 16.24 31.06
N ALA A 340 -32.89 17.55 30.97
CA ALA A 340 -32.13 18.70 30.50
C ALA A 340 -31.00 19.00 31.51
N LEU A 341 -31.10 18.82 32.83
CA LEU A 341 -30.10 19.03 33.82
C LEU A 341 -29.03 17.98 33.65
N LEU A 342 -29.50 16.73 33.29
CA LEU A 342 -28.62 15.64 33.00
C LEU A 342 -27.83 15.95 31.77
N CYS A 343 -28.53 16.50 30.74
CA CYS A 343 -27.99 16.82 29.47
C CYS A 343 -27.01 17.88 29.61
N THR A 344 -27.28 18.91 30.41
CA THR A 344 -26.34 20.04 30.56
C THR A 344 -24.97 19.63 31.14
N ILE A 345 -25.01 18.79 32.15
CA ILE A 345 -23.87 18.27 32.80
C ILE A 345 -22.97 17.59 31.82
N LEU A 346 -23.52 16.63 31.07
CA LEU A 346 -22.74 15.89 30.09
C LEU A 346 -22.20 16.78 28.98
N ILE A 347 -23.05 17.70 28.51
CA ILE A 347 -22.66 18.62 27.46
C ILE A 347 -21.54 19.54 27.91
N PHE A 348 -21.62 20.01 29.15
CA PHE A 348 -20.60 20.95 29.68
C PHE A 348 -19.21 20.24 29.79
N MET A 349 -19.17 19.01 30.46
CA MET A 349 -17.94 18.23 30.60
C MET A 349 -17.34 17.67 29.33
N ASP A 350 -18.13 17.13 28.35
CA ASP A 350 -17.74 16.62 27.02
C ASP A 350 -17.06 17.71 26.21
N GLN A 351 -17.73 18.90 26.09
CA GLN A 351 -17.25 20.18 25.50
C GLN A 351 -15.93 20.59 26.10
N GLN A 352 -15.80 20.67 27.44
CA GLN A 352 -14.69 21.16 28.22
C GLN A 352 -13.47 20.25 28.14
N ILE A 353 -13.65 18.89 28.14
CA ILE A 353 -12.58 18.02 27.92
C ILE A 353 -12.03 18.10 26.49
N THR A 354 -12.84 18.21 25.43
CA THR A 354 -12.31 18.39 24.08
C THR A 354 -11.54 19.70 24.01
N ALA A 355 -12.03 20.80 24.56
CA ALA A 355 -11.35 22.11 24.54
C ALA A 355 -10.00 22.14 25.23
N VAL A 356 -9.87 21.38 26.33
CA VAL A 356 -8.62 21.09 27.16
C VAL A 356 -7.59 20.36 26.33
N ILE A 357 -7.99 19.29 25.58
CA ILE A 357 -7.16 18.56 24.67
C ILE A 357 -6.59 19.37 23.55
N ILE A 358 -7.37 20.33 22.97
CA ILE A 358 -6.88 21.32 21.96
C ILE A 358 -5.95 22.31 22.57
N ASN A 359 -6.19 22.77 23.80
CA ASN A 359 -5.45 23.91 24.42
C ASN A 359 -4.31 23.36 25.27
N ARG A 360 -3.70 22.29 24.73
CA ARG A 360 -2.42 21.83 25.35
C ARG A 360 -1.35 22.77 24.97
N LYS A 361 -0.21 22.78 25.71
CA LYS A 361 0.95 23.61 25.41
C LYS A 361 1.86 22.87 24.41
N GLU A 362 1.58 21.60 24.16
CA GLU A 362 2.36 20.92 23.09
C GLU A 362 1.58 21.29 21.84
N HIS A 363 0.38 21.82 22.07
CA HIS A 363 -0.53 22.23 20.98
C HIS A 363 -0.56 23.77 21.05
N LYS A 364 0.42 24.39 21.72
CA LYS A 364 0.43 25.87 21.96
C LYS A 364 0.12 26.73 20.73
N LEU A 365 -0.47 27.90 20.95
CA LEU A 365 -0.79 28.86 19.85
C LEU A 365 -0.21 30.23 20.23
N LYS A 366 0.07 31.09 19.23
CA LYS A 366 0.61 32.45 19.49
C LYS A 366 -0.55 33.38 19.89
N LYS A 367 -1.67 32.81 20.33
CA LYS A 367 -2.86 33.57 20.66
C LYS A 367 -3.51 32.94 21.87
N GLY A 368 -4.43 33.69 22.50
CA GLY A 368 -5.12 33.21 23.66
C GLY A 368 -6.21 32.34 23.32
N CYS A 369 -7.11 32.12 24.28
CA CYS A 369 -8.32 31.34 24.09
C CYS A 369 -9.19 31.71 25.19
N GLY A 370 -10.49 31.26 25.13
CA GLY A 370 -11.45 31.49 26.10
C GLY A 370 -12.42 30.35 26.06
N TYR A 371 -12.45 29.59 27.18
CA TYR A 371 -13.37 28.57 27.46
C TYR A 371 -14.74 29.04 27.61
N HIS A 372 -14.86 30.23 28.33
CA HIS A 372 -16.12 30.82 28.66
C HIS A 372 -16.74 31.30 27.38
N LEU A 373 -15.96 31.88 26.43
CA LEU A 373 -16.52 32.27 25.11
C LEU A 373 -17.08 31.16 24.20
N ASP A 374 -16.33 30.06 24.09
CA ASP A 374 -16.65 28.77 23.51
C ASP A 374 -17.90 28.19 24.11
N LEU A 375 -18.08 28.10 25.50
CA LEU A 375 -19.33 27.63 26.04
C LEU A 375 -20.46 28.55 25.74
N LEU A 376 -20.26 29.88 25.75
CA LEU A 376 -21.21 30.87 25.52
C LEU A 376 -21.76 30.82 24.15
N VAL A 377 -20.89 30.68 23.08
CA VAL A 377 -21.33 30.60 21.72
C VAL A 377 -22.03 29.18 21.52
N VAL A 378 -21.53 28.18 22.13
CA VAL A 378 -22.22 26.88 22.14
C VAL A 378 -23.63 26.98 22.79
N ALA A 379 -23.81 27.76 23.85
CA ALA A 379 -25.05 27.93 24.51
C ALA A 379 -26.08 28.73 23.59
N ILE A 380 -25.65 29.78 22.93
CA ILE A 380 -26.48 30.50 22.00
C ILE A 380 -26.89 29.58 20.84
N MET A 381 -25.85 28.82 20.37
CA MET A 381 -26.06 28.05 19.14
C MET A 381 -27.01 26.87 19.44
N LEU A 382 -26.96 26.27 20.67
CA LEU A 382 -27.86 25.29 21.24
C LEU A 382 -29.30 25.76 21.37
N GLY A 383 -29.53 26.98 21.87
CA GLY A 383 -30.91 27.58 21.88
C GLY A 383 -31.48 27.82 20.49
N VAL A 384 -30.67 28.45 19.57
CA VAL A 384 -31.24 28.75 18.25
C VAL A 384 -31.51 27.51 17.42
N CYS A 385 -30.67 26.48 17.52
CA CYS A 385 -30.86 25.23 16.92
C CYS A 385 -32.05 24.53 17.45
N SER A 386 -32.23 24.51 18.73
CA SER A 386 -33.48 24.00 19.33
C SER A 386 -34.73 24.73 19.01
N LEU A 387 -34.75 26.13 18.87
CA LEU A 387 -35.93 26.86 18.55
C LEU A 387 -36.38 26.63 17.13
N MET A 388 -35.39 26.25 16.25
CA MET A 388 -35.63 26.04 14.81
C MET A 388 -35.77 24.56 14.40
N GLY A 389 -35.63 23.70 15.50
CA GLY A 389 -35.89 22.26 15.40
C GLY A 389 -34.78 21.44 14.69
N LEU A 390 -33.51 21.86 14.89
CA LEU A 390 -32.40 21.27 14.16
C LEU A 390 -31.53 20.46 15.03
N PRO A 391 -30.69 19.57 14.48
CA PRO A 391 -29.72 18.74 15.23
C PRO A 391 -28.65 19.54 15.93
N TRP A 392 -28.26 19.03 17.10
CA TRP A 392 -27.22 19.53 17.92
C TRP A 392 -25.96 18.69 17.59
N PHE A 393 -24.85 19.25 18.06
CA PHE A 393 -23.52 18.82 17.70
C PHE A 393 -22.62 19.18 18.88
N VAL A 394 -21.64 18.31 19.25
CA VAL A 394 -20.81 18.55 20.44
C VAL A 394 -19.47 18.30 19.86
N ALA A 395 -18.42 18.90 20.45
CA ALA A 395 -17.03 18.88 19.97
C ALA A 395 -16.45 17.49 19.79
N ALA A 396 -16.15 17.04 18.55
CA ALA A 396 -15.53 15.76 18.21
C ALA A 396 -14.05 16.03 18.18
N THR A 397 -13.34 14.94 18.48
CA THR A 397 -11.95 14.86 18.85
C THR A 397 -11.08 14.90 17.63
N VAL A 398 -11.19 13.92 16.71
CA VAL A 398 -10.35 13.83 15.53
C VAL A 398 -10.49 15.01 14.58
N LEU A 399 -11.73 15.52 14.35
CA LEU A 399 -11.94 16.59 13.42
C LEU A 399 -11.16 17.85 13.88
N SER A 400 -11.30 18.15 15.21
CA SER A 400 -10.60 19.28 15.74
C SER A 400 -9.09 19.18 15.68
N ILE A 401 -8.55 18.04 16.04
CA ILE A 401 -7.13 17.76 15.90
C ILE A 401 -6.55 17.63 14.48
N THR A 402 -7.21 17.01 13.46
CA THR A 402 -6.74 16.92 12.14
C THR A 402 -6.78 18.32 11.53
N HIS A 403 -7.76 19.19 11.88
CA HIS A 403 -7.63 20.57 11.56
C HIS A 403 -6.32 21.21 12.04
N VAL A 404 -6.06 21.01 13.37
CA VAL A 404 -4.87 21.65 13.87
C VAL A 404 -3.56 21.21 13.21
N ASN A 405 -3.30 19.91 13.00
CA ASN A 405 -2.17 19.39 12.37
C ASN A 405 -2.02 19.72 10.88
N SER A 406 -3.15 19.86 10.13
CA SER A 406 -3.14 20.07 8.73
C SER A 406 -2.45 21.41 8.36
N LEU A 407 -2.73 22.42 9.06
CA LEU A 407 -2.06 23.74 8.95
C LEU A 407 -1.21 24.11 10.13
N LYS A 408 0.10 24.35 9.84
CA LYS A 408 1.15 24.60 10.84
C LYS A 408 2.21 25.26 10.15
N LEU A 409 2.70 26.35 10.75
CA LEU A 409 3.96 26.97 10.26
C LEU A 409 5.13 26.16 10.60
N GLU A 410 5.98 25.99 9.58
CA GLU A 410 7.21 25.30 9.59
C GLU A 410 8.20 26.00 8.79
N SER A 411 9.42 26.14 9.37
CA SER A 411 10.50 26.99 8.85
C SER A 411 11.02 26.35 7.54
N GLU A 412 11.58 27.17 6.65
CA GLU A 412 12.14 26.86 5.41
C GLU A 412 13.59 27.22 5.36
N CYS A 413 14.16 27.42 6.58
CA CYS A 413 15.55 27.84 6.71
C CYS A 413 16.32 26.66 7.03
N SER A 414 15.62 25.56 7.47
CA SER A 414 16.14 24.32 7.85
C SER A 414 17.04 23.63 6.93
N ALA A 415 17.86 22.65 7.47
CA ALA A 415 18.70 21.81 6.64
C ALA A 415 17.78 20.99 5.68
N PRO A 416 18.16 20.72 4.44
CA PRO A 416 17.26 20.02 3.53
C PRO A 416 16.86 18.65 4.08
N GLY A 417 15.63 18.22 3.78
CA GLY A 417 15.15 16.93 4.27
C GLY A 417 14.89 16.91 5.77
N GLU A 418 15.76 16.27 6.54
CA GLU A 418 15.51 16.05 7.99
C GLU A 418 15.42 17.32 8.85
N GLN A 419 14.59 17.30 9.90
CA GLN A 419 14.50 18.42 10.89
C GLN A 419 13.85 19.69 10.33
N PRO A 420 12.54 19.72 10.01
CA PRO A 420 11.85 20.96 9.62
C PRO A 420 11.34 21.56 10.94
N LYS A 421 11.84 22.73 11.36
CA LYS A 421 11.46 23.26 12.65
C LYS A 421 9.98 23.44 12.86
N PHE A 422 9.51 23.04 14.06
CA PHE A 422 8.10 22.93 14.40
C PHE A 422 7.38 24.34 14.35
N LEU A 423 8.07 25.46 14.86
CA LEU A 423 7.69 26.80 15.03
C LEU A 423 6.17 27.06 15.20
N GLY A 424 5.68 26.50 16.35
CA GLY A 424 4.33 26.62 16.90
C GLY A 424 3.29 25.95 15.98
N ILE A 425 2.05 26.49 15.94
CA ILE A 425 1.04 26.01 15.03
C ILE A 425 0.46 27.30 14.57
N ARG A 426 -0.68 27.25 13.82
CA ARG A 426 -1.26 28.25 12.96
C ARG A 426 -2.73 28.35 13.33
N GLU A 427 -3.16 29.53 13.74
CA GLU A 427 -4.54 29.73 14.11
C GLU A 427 -5.09 30.99 13.47
N GLN A 428 -5.13 30.99 12.15
CA GLN A 428 -5.67 32.10 11.39
C GLN A 428 -7.17 32.25 11.64
N ARG A 429 -7.86 31.13 11.77
CA ARG A 429 -9.30 31.13 12.02
C ARG A 429 -10.13 31.54 10.79
N VAL A 430 -9.54 31.45 9.60
CA VAL A 430 -10.26 31.83 8.40
C VAL A 430 -10.65 30.62 7.54
N THR A 431 -10.27 29.42 7.95
CA THR A 431 -10.64 28.26 7.13
C THR A 431 -11.97 27.64 7.56
N GLY A 432 -12.22 27.61 8.84
CA GLY A 432 -13.38 27.13 9.45
C GLY A 432 -14.60 27.86 8.92
N LEU A 433 -14.47 29.23 8.78
CA LEU A 433 -15.48 30.13 8.26
C LEU A 433 -15.70 29.73 6.84
N MET A 434 -14.61 29.58 6.01
CA MET A 434 -14.69 29.32 4.59
C MET A 434 -15.27 27.95 4.29
N ILE A 435 -14.98 26.88 5.00
CA ILE A 435 -15.62 25.61 4.89
C ILE A 435 -17.09 25.57 4.96
N PHE A 436 -17.56 26.16 6.09
CA PHE A 436 -18.98 26.12 6.52
C PHE A 436 -19.68 27.15 5.61
N VAL A 437 -19.05 28.24 5.11
CA VAL A 437 -19.61 29.08 4.10
C VAL A 437 -19.89 28.33 2.88
N LEU A 438 -18.96 27.44 2.42
CA LEU A 438 -19.26 26.78 1.15
C LEU A 438 -20.31 25.65 1.25
N MET A 439 -20.36 24.81 2.38
CA MET A 439 -21.50 23.88 2.59
C MET A 439 -22.80 24.51 2.91
N GLY A 440 -22.85 25.75 3.50
CA GLY A 440 -24.04 26.43 3.49
C GLY A 440 -24.56 26.79 2.08
N CYS A 441 -23.66 27.33 1.22
CA CYS A 441 -24.07 27.58 -0.16
C CYS A 441 -24.28 26.33 -0.99
N SER A 442 -23.88 25.15 -0.46
CA SER A 442 -23.83 23.91 -1.20
C SER A 442 -24.87 23.03 -0.58
N VAL A 443 -26.14 23.59 -0.47
CA VAL A 443 -27.29 22.98 0.11
C VAL A 443 -28.25 22.87 -1.08
N PHE A 444 -28.07 23.65 -2.22
CA PHE A 444 -28.95 23.64 -3.39
C PHE A 444 -27.96 23.28 -4.52
N MET A 445 -26.65 23.02 -4.24
CA MET A 445 -25.73 22.33 -5.13
C MET A 445 -25.49 20.99 -4.56
N THR A 446 -25.49 19.94 -5.42
CA THR A 446 -25.28 18.51 -5.09
C THR A 446 -24.30 17.93 -6.08
N ALA A 447 -24.14 18.64 -7.30
CA ALA A 447 -23.23 18.22 -8.34
C ALA A 447 -21.84 18.10 -7.87
N VAL A 448 -21.39 18.89 -6.73
CA VAL A 448 -20.01 18.78 -6.34
C VAL A 448 -19.63 17.35 -5.84
N LEU A 449 -20.45 16.71 -4.99
CA LEU A 449 -20.05 15.56 -4.25
C LEU A 449 -20.69 14.22 -4.68
N LYS A 450 -21.51 14.29 -5.74
CA LYS A 450 -22.07 13.18 -6.44
C LYS A 450 -21.15 12.37 -7.23
N PHE A 451 -19.92 12.92 -7.52
CA PHE A 451 -18.88 12.31 -8.22
C PHE A 451 -17.77 11.87 -7.27
N ILE A 452 -17.90 12.01 -5.93
CA ILE A 452 -16.95 11.52 -4.95
C ILE A 452 -17.68 10.42 -4.23
N PRO A 453 -17.27 9.18 -4.40
CA PRO A 453 -17.87 8.04 -3.70
C PRO A 453 -17.58 8.03 -2.22
N MET A 454 -18.27 7.27 -1.36
CA MET A 454 -17.83 7.21 -0.01
C MET A 454 -16.45 6.62 0.17
N PRO A 455 -16.02 5.58 -0.55
CA PRO A 455 -14.75 4.94 -0.14
C PRO A 455 -13.54 5.85 -0.06
N VAL A 456 -13.45 6.79 -0.99
CA VAL A 456 -12.31 7.74 -1.02
C VAL A 456 -12.39 8.64 0.26
N LEU A 457 -13.63 9.09 0.64
CA LEU A 457 -13.90 9.80 1.89
C LEU A 457 -13.56 9.02 3.10
N TYR A 458 -13.73 7.67 3.01
CA TYR A 458 -13.27 6.75 3.99
C TYR A 458 -11.77 6.59 4.13
N GLY A 459 -11.02 6.54 2.98
CA GLY A 459 -9.59 6.60 3.07
C GLY A 459 -9.07 7.89 3.70
N VAL A 460 -9.74 9.05 3.41
CA VAL A 460 -9.50 10.39 4.09
C VAL A 460 -9.71 10.25 5.58
N PHE A 461 -10.85 9.57 5.91
CA PHE A 461 -11.13 9.26 7.31
C PHE A 461 -10.02 8.43 7.98
N LEU A 462 -9.42 7.38 7.35
CA LEU A 462 -8.40 6.59 7.91
C LEU A 462 -7.13 7.35 8.09
N TYR A 463 -6.78 8.24 7.07
CA TYR A 463 -5.69 9.15 7.27
C TYR A 463 -5.90 10.13 8.48
N MET A 464 -7.12 10.67 8.62
CA MET A 464 -7.48 11.52 9.75
C MET A 464 -7.25 10.82 11.02
N GLY A 465 -7.72 9.61 11.25
CA GLY A 465 -7.54 8.86 12.41
C GLY A 465 -6.15 8.52 12.77
N VAL A 466 -5.31 8.09 11.81
CA VAL A 466 -3.94 7.73 12.08
C VAL A 466 -3.11 8.97 12.43
N SER A 467 -3.22 10.11 11.71
CA SER A 467 -2.34 11.25 11.85
C SER A 467 -2.68 12.03 13.01
N SER A 468 -3.91 11.87 13.55
CA SER A 468 -4.42 12.73 14.60
C SER A 468 -3.79 12.64 15.99
N LEU A 469 -3.45 11.39 16.35
CA LEU A 469 -2.95 10.88 17.60
C LEU A 469 -1.44 11.11 17.68
N GLN A 470 -0.90 12.14 16.94
CA GLN A 470 0.50 12.62 17.02
C GLN A 470 0.85 13.14 18.38
N GLY A 471 0.02 13.98 18.95
CA GLY A 471 0.30 14.91 20.07
C GLY A 471 0.04 14.11 21.34
N ILE A 472 -0.67 12.94 21.30
CA ILE A 472 -1.08 12.26 22.49
C ILE A 472 0.12 11.52 23.00
N GLN A 473 0.58 11.97 24.16
CA GLN A 473 1.75 11.40 24.82
C GLN A 473 1.56 9.96 25.28
N PHE A 474 0.39 9.67 25.85
CA PHE A 474 0.09 8.39 26.28
C PHE A 474 0.23 7.37 25.16
N PHE A 475 -0.43 7.55 24.03
CA PHE A 475 -0.41 6.54 22.95
C PHE A 475 1.06 6.24 22.50
N ASP A 476 1.92 7.25 22.43
CA ASP A 476 3.37 7.12 22.22
C ASP A 476 4.04 6.14 23.17
N ARG A 477 3.74 6.35 24.44
CA ARG A 477 4.26 5.49 25.51
C ARG A 477 3.76 4.05 25.42
N LEU A 478 2.48 3.88 25.08
CA LEU A 478 1.88 2.53 25.00
C LEU A 478 2.68 1.73 23.97
N LYS A 479 3.06 2.45 22.91
CA LYS A 479 3.92 1.96 21.83
C LYS A 479 5.40 1.88 22.14
N LEU A 480 5.81 2.18 23.47
CA LEU A 480 7.21 2.11 23.87
C LEU A 480 7.38 1.13 24.96
N PHE A 481 6.37 0.38 25.35
CA PHE A 481 6.44 -0.64 26.41
C PHE A 481 7.23 -1.82 25.82
N GLY A 482 7.16 -2.07 24.47
CA GLY A 482 7.88 -3.11 23.80
C GLY A 482 9.29 -2.78 23.63
N MET A 483 9.57 -1.48 23.57
CA MET A 483 10.93 -1.04 23.34
C MET A 483 11.75 -1.26 24.59
N PRO A 484 12.89 -1.94 24.45
CA PRO A 484 13.74 -2.14 25.67
C PRO A 484 14.37 -0.90 26.17
N ALA A 485 15.16 -0.96 27.26
CA ALA A 485 15.75 0.27 27.87
C ALA A 485 17.22 0.48 27.49
N LYS A 486 17.75 -0.42 26.65
CA LYS A 486 19.11 -0.28 26.14
C LYS A 486 19.25 0.89 25.15
N HIS A 487 18.24 1.05 24.31
CA HIS A 487 18.22 2.13 23.32
C HIS A 487 16.85 2.77 23.28
N GLN A 488 16.18 2.75 24.43
CA GLN A 488 14.82 3.24 24.53
C GLN A 488 14.76 4.70 24.12
N PRO A 489 13.62 5.10 23.54
CA PRO A 489 13.31 6.44 23.05
C PRO A 489 13.30 7.42 24.21
N ASP A 490 13.61 8.68 23.95
CA ASP A 490 13.72 9.62 25.06
C ASP A 490 12.37 10.10 25.59
N PHE A 491 12.00 9.38 26.64
CA PHE A 491 10.84 9.67 27.46
C PHE A 491 11.50 9.97 28.82
N ILE A 492 10.99 10.98 29.52
CA ILE A 492 11.57 11.46 30.79
C ILE A 492 11.60 10.49 31.98
N TYR A 493 10.75 9.48 31.94
CA TYR A 493 10.58 8.50 33.02
C TYR A 493 11.77 7.64 33.49
N LEU A 494 12.71 7.30 32.60
CA LEU A 494 13.81 6.40 32.98
C LEU A 494 14.76 6.81 34.13
N ARG A 495 15.20 8.07 34.19
CA ARG A 495 16.07 8.51 35.24
C ARG A 495 15.27 9.24 36.30
N HIS A 496 14.29 10.05 35.88
CA HIS A 496 13.50 10.75 36.89
C HIS A 496 12.41 9.89 37.53
N VAL A 497 11.75 9.08 36.73
CA VAL A 497 10.67 8.22 37.24
C VAL A 497 10.81 6.77 36.80
N PRO A 498 11.08 5.88 37.76
CA PRO A 498 11.24 4.48 37.55
C PRO A 498 10.24 3.91 36.65
N LEU A 499 10.65 2.82 35.88
CA LEU A 499 10.00 2.12 34.81
C LEU A 499 8.74 1.48 35.45
N ARG A 500 8.90 1.07 36.74
CA ARG A 500 7.94 0.45 37.54
C ARG A 500 6.79 1.42 37.82
N LYS A 501 7.10 2.66 38.20
CA LYS A 501 6.22 3.80 38.47
C LYS A 501 5.51 4.33 37.24
N VAL A 502 6.19 4.39 36.04
CA VAL A 502 5.66 4.76 34.74
C VAL A 502 4.64 3.71 34.34
N HIS A 503 4.97 2.48 34.49
CA HIS A 503 4.13 1.33 34.23
C HIS A 503 2.95 1.28 35.12
N LEU A 504 3.08 1.55 36.46
CA LEU A 504 1.90 1.49 37.34
C LEU A 504 0.87 2.57 37.02
N PHE A 505 1.37 3.77 36.78
CA PHE A 505 0.61 4.84 36.24
C PHE A 505 -0.05 4.56 34.87
N THR A 506 0.70 4.01 33.85
CA THR A 506 0.10 3.70 32.56
C THR A 506 -0.96 2.59 32.71
N LEU A 507 -0.74 1.58 33.56
CA LEU A 507 -1.72 0.50 33.78
C LEU A 507 -3.04 0.98 34.41
N VAL A 508 -2.95 1.81 35.45
CA VAL A 508 -4.14 2.42 36.04
C VAL A 508 -4.84 3.37 35.03
N GLN A 509 -4.03 4.09 34.13
CA GLN A 509 -4.61 5.00 33.10
C GLN A 509 -5.37 4.23 32.05
N LEU A 510 -4.82 3.04 31.64
CA LEU A 510 -5.37 2.09 30.71
C LEU A 510 -6.58 1.41 31.26
N THR A 511 -6.62 1.13 32.60
CA THR A 511 -7.79 0.49 33.21
C THR A 511 -8.92 1.42 33.23
N CYS A 512 -8.65 2.72 33.53
CA CYS A 512 -9.71 3.71 33.47
C CYS A 512 -10.10 3.98 31.98
N LEU A 513 -9.18 3.83 31.00
CA LEU A 513 -9.52 3.85 29.55
C LEU A 513 -10.49 2.68 29.16
N VAL A 514 -10.11 1.46 29.65
CA VAL A 514 -10.96 0.30 29.32
C VAL A 514 -12.34 0.40 29.97
N LEU A 515 -12.48 0.97 31.21
CA LEU A 515 -13.71 1.33 31.91
C LEU A 515 -14.55 2.46 31.19
N LEU A 516 -13.88 3.53 30.66
CA LEU A 516 -14.56 4.51 29.83
C LEU A 516 -15.14 3.87 28.52
N TRP A 517 -14.26 2.91 27.98
CA TRP A 517 -14.58 2.09 26.78
C TRP A 517 -15.83 1.24 27.02
N VAL A 518 -16.04 0.52 28.10
CA VAL A 518 -17.12 -0.37 28.27
C VAL A 518 -18.35 0.45 28.49
N ILE A 519 -18.24 1.61 29.16
CA ILE A 519 -19.22 2.64 29.43
C ILE A 519 -19.81 3.26 28.18
N LYS A 520 -18.97 3.56 27.17
CA LYS A 520 -19.32 3.94 25.81
C LYS A 520 -20.19 2.95 25.04
N ALA A 521 -19.93 1.64 25.29
CA ALA A 521 -20.58 0.52 24.70
C ALA A 521 -21.83 0.08 25.35
N SER A 522 -22.16 0.69 26.46
CA SER A 522 -23.28 0.41 27.34
C SER A 522 -24.49 0.94 26.65
N PRO A 523 -25.74 0.40 26.84
CA PRO A 523 -26.94 0.88 26.06
C PRO A 523 -27.48 2.15 26.67
N ALA A 524 -26.69 2.97 27.35
CA ALA A 524 -27.07 4.21 27.87
C ALA A 524 -26.06 5.14 27.38
N ALA A 525 -24.82 5.23 27.95
CA ALA A 525 -23.70 5.94 27.33
C ALA A 525 -23.86 7.42 27.51
N ILE A 526 -24.80 7.84 28.39
CA ILE A 526 -25.01 9.12 28.94
C ILE A 526 -23.94 9.36 29.99
N VAL A 527 -23.51 8.22 30.67
CA VAL A 527 -22.59 8.17 31.84
C VAL A 527 -21.13 8.54 31.48
N PHE A 528 -20.76 8.72 30.14
CA PHE A 528 -19.41 8.91 29.63
C PHE A 528 -18.65 10.12 30.13
N PRO A 529 -19.30 11.29 30.20
CA PRO A 529 -18.76 12.53 30.79
C PRO A 529 -18.54 12.52 32.34
N MET A 530 -19.46 11.91 33.11
CA MET A 530 -19.44 11.94 34.60
C MET A 530 -18.28 11.08 35.10
N MET A 531 -17.80 10.14 34.24
CA MET A 531 -16.70 9.28 34.53
C MET A 531 -15.48 10.15 34.72
N VAL A 532 -15.40 11.33 33.98
CA VAL A 532 -14.26 12.25 33.97
C VAL A 532 -13.99 12.81 35.38
N LEU A 533 -15.10 12.95 36.13
CA LEU A 533 -15.13 13.29 37.53
C LEU A 533 -14.26 12.36 38.43
N ALA A 534 -14.49 11.02 38.27
CA ALA A 534 -13.84 9.88 38.81
C ALA A 534 -12.41 9.77 38.46
N LEU A 535 -12.09 10.14 37.26
CA LEU A 535 -10.68 10.22 36.81
C LEU A 535 -9.83 11.22 37.60
N VAL A 536 -10.51 12.24 38.25
CA VAL A 536 -9.87 13.20 39.19
C VAL A 536 -9.76 12.64 40.53
N PHE A 537 -10.88 12.04 41.04
CA PHE A 537 -10.89 11.51 42.36
C PHE A 537 -9.78 10.47 42.57
N VAL A 538 -9.69 9.50 41.57
CA VAL A 538 -8.70 8.50 41.51
C VAL A 538 -7.29 9.14 41.43
N ARG A 539 -7.08 10.27 40.70
CA ARG A 539 -5.84 11.03 40.54
C ARG A 539 -5.32 11.45 41.90
N LYS A 540 -6.11 12.06 42.79
CA LYS A 540 -5.86 12.39 44.21
C LYS A 540 -5.38 11.35 45.15
N VAL A 541 -5.91 10.13 45.04
CA VAL A 541 -5.52 8.95 45.85
C VAL A 541 -4.06 8.65 45.76
N MET A 542 -3.51 8.76 44.56
CA MET A 542 -2.13 8.51 44.23
C MET A 542 -1.18 9.53 44.85
N ASP A 543 -1.64 10.66 45.38
CA ASP A 543 -0.90 11.54 46.18
C ASP A 543 -0.45 10.94 47.45
N LEU A 544 -1.05 9.81 47.94
CA LEU A 544 -0.51 9.11 49.01
C LEU A 544 0.15 7.78 48.59
N CYS A 545 -0.01 7.37 47.32
CA CYS A 545 0.52 6.13 46.78
C CYS A 545 1.88 6.38 46.14
N PHE A 546 2.31 7.61 45.94
CA PHE A 546 3.49 7.94 45.26
C PHE A 546 3.81 9.32 45.72
N SER A 547 5.16 9.61 45.65
CA SER A 547 5.75 10.92 45.80
C SER A 547 5.22 11.80 44.67
N LYS A 548 4.96 13.07 44.99
CA LYS A 548 4.41 14.02 44.04
C LYS A 548 5.43 14.42 43.00
N ARG A 549 6.74 14.35 43.32
CA ARG A 549 7.73 14.66 42.32
C ARG A 549 7.65 13.67 41.21
N GLU A 550 7.56 12.35 41.52
CA GLU A 550 7.53 11.34 40.47
C GLU A 550 6.26 11.31 39.53
N LEU A 551 5.23 12.18 39.68
CA LEU A 551 4.09 12.27 38.81
C LEU A 551 4.02 13.65 38.10
N SER A 552 4.90 14.65 38.36
CA SER A 552 4.93 15.95 37.71
C SER A 552 5.68 15.99 36.39
N TRP A 553 6.00 14.83 35.78
CA TRP A 553 6.82 14.71 34.65
C TRP A 553 6.00 14.38 33.38
N LEU A 554 4.79 13.77 33.53
CA LEU A 554 3.97 13.27 32.44
C LEU A 554 2.62 13.90 32.56
N ASP A 555 2.34 14.62 33.68
CA ASP A 555 1.08 15.25 33.86
C ASP A 555 1.31 16.76 34.09
N ASP A 556 2.50 17.25 33.69
CA ASP A 556 2.91 18.62 33.67
C ASP A 556 2.05 19.34 32.74
N LEU A 557 1.86 20.63 33.11
CA LEU A 557 1.06 21.50 32.32
C LEU A 557 2.00 22.47 31.63
N MET A 558 3.23 22.06 31.55
CA MET A 558 4.32 22.80 30.81
C MET A 558 4.78 21.65 29.98
N PRO A 559 5.18 21.78 28.71
CA PRO A 559 5.35 20.56 27.92
C PRO A 559 6.67 19.92 28.13
N GLU A 560 6.94 18.83 27.45
CA GLU A 560 8.23 18.18 27.57
C GLU A 560 9.28 19.14 27.02
N SER A 561 8.89 19.86 25.97
CA SER A 561 9.77 20.74 25.26
C SER A 561 10.55 21.66 26.23
N LYS A 562 9.81 22.24 27.18
CA LYS A 562 10.35 23.10 28.27
C LYS A 562 11.26 22.25 29.14
N LYS A 563 10.89 20.99 29.53
CA LYS A 563 11.69 20.15 30.42
C LYS A 563 12.97 19.76 29.77
N LYS A 564 13.01 19.44 28.46
CA LYS A 564 14.16 19.17 27.64
C LYS A 564 15.12 20.38 27.63
N LYS A 565 14.62 21.64 27.46
CA LYS A 565 15.40 22.86 27.57
C LYS A 565 16.04 23.10 28.93
N LEU A 566 15.32 22.84 30.06
CA LEU A 566 15.71 23.07 31.39
C LEU A 566 16.77 22.11 31.77
N ASP A 567 16.41 20.84 31.62
CA ASP A 567 17.25 19.75 32.02
C ASP A 567 18.59 19.61 31.20
N ASP A 568 18.53 19.98 29.90
CA ASP A 568 19.77 20.20 29.10
C ASP A 568 20.53 21.48 29.54
N ALA A 569 19.92 22.59 29.98
CA ALA A 569 20.74 23.79 30.41
C ALA A 569 21.31 23.71 31.80
N LYS A 570 21.06 22.59 32.51
CA LYS A 570 21.50 22.29 33.91
C LYS A 570 22.71 21.37 33.75
N LYS A 571 22.77 20.60 32.63
CA LYS A 571 23.84 19.64 32.48
C LYS A 571 24.15 19.47 31.03
N LEU B 1 47.81 -18.75 -19.06
CA LEU B 1 48.11 -19.56 -20.21
C LEU B 1 47.47 -20.93 -20.05
N PHE B 2 47.94 -21.82 -21.01
CA PHE B 2 47.56 -23.25 -21.08
C PHE B 2 48.23 -23.90 -19.85
N GLY B 3 47.35 -24.58 -19.02
CA GLY B 3 47.72 -25.26 -17.84
C GLY B 3 48.02 -24.34 -16.67
N GLY B 4 47.45 -23.11 -16.69
CA GLY B 4 47.73 -22.09 -15.66
C GLY B 4 46.43 -21.91 -14.99
N LEU B 5 45.34 -22.63 -15.45
CA LEU B 5 44.05 -22.55 -14.78
C LEU B 5 43.93 -23.44 -13.55
N VAL B 6 44.90 -24.36 -13.39
CA VAL B 6 45.04 -25.28 -12.25
C VAL B 6 45.16 -24.56 -10.93
N LEU B 7 45.86 -23.32 -10.95
CA LEU B 7 46.12 -22.52 -9.83
C LEU B 7 44.88 -22.07 -9.13
N ASP B 8 43.75 -21.81 -9.84
CA ASP B 8 42.51 -21.47 -9.26
C ASP B 8 42.00 -22.58 -8.29
N VAL B 9 41.97 -23.80 -8.75
CA VAL B 9 41.48 -24.91 -7.93
C VAL B 9 42.36 -25.09 -6.75
N LYS B 10 43.67 -25.05 -6.94
CA LYS B 10 44.69 -25.19 -5.87
C LYS B 10 44.56 -24.13 -4.85
N ARG B 11 44.20 -22.86 -5.29
CA ARG B 11 43.98 -21.75 -4.42
C ARG B 11 42.59 -21.71 -3.80
N LYS B 12 41.59 -22.61 -4.07
CA LYS B 12 40.26 -22.67 -3.40
C LYS B 12 40.01 -23.98 -2.63
N ALA B 13 40.77 -25.04 -2.95
CA ALA B 13 40.68 -26.28 -2.22
C ALA B 13 41.00 -26.20 -0.71
N PRO B 14 41.94 -25.52 -0.02
CA PRO B 14 42.00 -25.55 1.42
C PRO B 14 40.71 -24.93 2.01
N TRP B 15 40.18 -23.93 1.31
CA TRP B 15 39.03 -23.13 1.71
C TRP B 15 37.73 -23.86 1.48
N TYR B 16 37.73 -24.95 0.77
CA TYR B 16 36.48 -25.53 0.23
C TYR B 16 35.50 -26.07 1.31
N TRP B 17 36.08 -26.88 2.21
CA TRP B 17 35.43 -27.42 3.41
C TRP B 17 35.09 -26.48 4.46
N SER B 18 35.98 -25.49 4.70
CA SER B 18 35.84 -24.35 5.61
C SER B 18 34.67 -23.47 5.30
N ASP B 19 34.14 -23.52 4.05
CA ASP B 19 33.00 -22.83 3.50
C ASP B 19 31.74 -23.69 3.48
N TYR B 20 31.57 -24.65 4.38
CA TYR B 20 30.39 -25.43 4.63
C TYR B 20 30.00 -25.22 6.06
N ARG B 21 31.02 -25.13 6.89
CA ARG B 21 30.90 -25.00 8.34
C ARG B 21 30.57 -23.56 8.70
N ASP B 22 30.82 -22.74 7.66
CA ASP B 22 30.42 -21.36 7.69
C ASP B 22 28.91 -21.22 7.77
N ALA B 23 28.17 -22.10 7.08
CA ALA B 23 26.71 -22.02 7.02
C ALA B 23 25.96 -22.20 8.35
N LEU B 24 24.83 -21.47 8.48
CA LEU B 24 23.99 -21.49 9.68
C LEU B 24 22.50 -21.67 9.33
N SER B 25 21.77 -22.19 10.30
CA SER B 25 20.33 -22.36 10.23
C SER B 25 19.67 -21.04 10.63
N LEU B 26 18.42 -20.86 10.25
CA LEU B 26 17.64 -19.68 10.61
C LEU B 26 17.91 -18.49 9.69
N GLN B 27 18.91 -18.64 8.82
CA GLN B 27 19.24 -17.62 7.86
C GLN B 27 19.24 -18.26 6.48
N CYS B 28 20.01 -19.33 6.37
CA CYS B 28 20.09 -20.10 5.15
C CYS B 28 18.75 -20.75 4.87
N LEU B 29 18.09 -21.21 5.93
CA LEU B 29 16.79 -21.87 5.78
C LEU B 29 15.91 -20.95 5.00
N ALA B 30 15.82 -19.70 5.39
CA ALA B 30 15.09 -18.63 4.80
C ALA B 30 15.60 -18.28 3.42
N SER B 31 16.91 -18.21 3.21
CA SER B 31 17.45 -17.89 1.90
C SER B 31 17.07 -18.97 0.90
N PHE B 32 17.14 -20.23 1.31
CA PHE B 32 16.80 -21.34 0.43
C PHE B 32 15.32 -21.32 0.02
N LEU B 33 14.45 -21.01 0.98
CA LEU B 33 13.03 -20.95 0.70
C LEU B 33 12.75 -19.81 -0.28
N PHE B 34 13.45 -18.71 -0.08
CA PHE B 34 13.33 -17.51 -0.92
C PHE B 34 13.77 -17.80 -2.34
N LEU B 35 15.01 -18.40 -2.46
CA LEU B 35 15.56 -18.57 -3.79
C LEU B 35 14.83 -19.73 -4.50
N TYR B 36 14.28 -20.75 -3.76
CA TYR B 36 13.60 -21.85 -4.30
C TYR B 36 12.39 -21.35 -5.03
N CYS B 37 11.56 -20.48 -4.42
CA CYS B 37 10.36 -19.91 -5.06
C CYS B 37 10.73 -19.00 -6.25
N ALA B 38 11.77 -18.11 -6.06
CA ALA B 38 12.22 -17.08 -7.02
C ALA B 38 12.69 -17.68 -8.31
N CYS B 39 13.42 -18.78 -8.21
CA CYS B 39 14.15 -19.38 -9.28
C CYS B 39 13.23 -20.21 -10.03
N MET B 40 12.21 -20.84 -9.41
CA MET B 40 11.22 -21.59 -10.09
C MET B 40 10.28 -20.90 -11.12
N SER B 41 9.79 -19.77 -10.82
CA SER B 41 8.92 -19.05 -11.73
C SER B 41 9.60 -18.73 -13.09
N PRO B 42 10.80 -18.05 -13.32
CA PRO B 42 11.33 -17.79 -14.62
C PRO B 42 11.62 -18.98 -15.33
N VAL B 43 12.11 -20.12 -14.71
CA VAL B 43 12.38 -21.32 -15.43
C VAL B 43 11.11 -21.82 -16.13
N ILE B 44 10.00 -21.95 -15.41
CA ILE B 44 8.75 -22.43 -16.02
C ILE B 44 8.12 -21.55 -17.12
N THR B 45 8.07 -20.24 -16.89
CA THR B 45 7.57 -19.26 -17.84
C THR B 45 8.41 -19.21 -19.10
N PHE B 46 9.77 -19.25 -18.97
CA PHE B 46 10.82 -19.38 -20.02
C PHE B 46 10.69 -20.67 -20.81
N GLY B 47 10.50 -21.81 -20.10
CA GLY B 47 10.34 -23.12 -20.66
C GLY B 47 9.11 -23.12 -21.62
N GLY B 48 7.93 -22.55 -21.16
CA GLY B 48 6.73 -22.35 -21.93
C GLY B 48 6.82 -21.40 -23.09
N LEU B 49 7.46 -20.27 -22.91
CA LEU B 49 7.62 -19.20 -23.84
C LEU B 49 8.50 -19.72 -25.03
N LEU B 50 9.38 -20.59 -24.65
CA LEU B 50 10.40 -21.22 -25.51
C LEU B 50 9.75 -22.46 -26.22
N GLY B 51 8.78 -23.12 -25.49
CA GLY B 51 7.98 -24.30 -25.92
C GLY B 51 7.21 -24.12 -27.06
N GLU B 52 6.45 -23.00 -27.17
CA GLU B 52 5.73 -22.62 -28.35
C GLU B 52 6.59 -22.38 -29.56
N ALA B 53 7.76 -21.67 -29.37
CA ALA B 53 8.70 -21.28 -30.32
C ALA B 53 9.46 -22.35 -30.98
N THR B 54 10.00 -23.34 -30.24
CA THR B 54 10.77 -24.43 -30.83
C THR B 54 9.91 -25.71 -31.04
N GLU B 55 8.61 -25.44 -31.30
CA GLU B 55 7.54 -26.29 -31.67
C GLU B 55 7.26 -27.57 -30.88
N GLY B 56 7.15 -27.50 -29.52
CA GLY B 56 6.72 -28.52 -28.62
C GLY B 56 7.65 -29.70 -28.36
N ARG B 57 8.93 -29.54 -28.73
CA ARG B 57 10.00 -30.49 -28.45
C ARG B 57 10.71 -30.05 -27.13
N ILE B 58 10.41 -28.83 -26.70
CA ILE B 58 10.97 -28.30 -25.41
C ILE B 58 9.78 -27.82 -24.59
N SER B 59 9.77 -28.06 -23.28
CA SER B 59 8.60 -27.71 -22.43
C SER B 59 9.04 -27.60 -20.97
N ALA B 60 8.14 -27.17 -20.09
CA ALA B 60 8.44 -27.05 -18.64
C ALA B 60 9.42 -28.14 -18.19
N ILE B 61 9.13 -29.43 -18.43
CA ILE B 61 10.03 -30.46 -17.89
C ILE B 61 11.48 -30.39 -18.37
N GLU B 62 11.72 -30.22 -19.68
CA GLU B 62 13.03 -30.03 -20.11
C GLU B 62 13.85 -28.86 -19.48
N SER B 63 13.21 -27.66 -19.30
CA SER B 63 13.82 -26.58 -18.60
C SER B 63 14.10 -26.89 -17.11
N LEU B 64 13.12 -27.59 -16.36
CA LEU B 64 13.30 -28.03 -14.99
C LEU B 64 14.49 -28.96 -14.82
N PHE B 65 14.61 -29.94 -15.75
CA PHE B 65 15.72 -30.86 -15.62
C PHE B 65 17.10 -30.20 -15.86
N GLY B 66 17.21 -29.44 -16.93
CA GLY B 66 18.49 -28.87 -17.23
C GLY B 66 18.95 -27.92 -16.18
N ALA B 67 18.01 -27.10 -15.59
CA ALA B 67 18.13 -26.11 -14.53
C ALA B 67 18.57 -26.79 -13.24
N SER B 68 18.01 -27.92 -12.78
CA SER B 68 18.40 -28.72 -11.63
C SER B 68 19.84 -29.12 -11.72
N MET B 69 20.21 -29.71 -12.93
CA MET B 69 21.56 -30.20 -13.24
C MET B 69 22.58 -29.13 -13.16
N THR B 70 22.28 -27.92 -13.79
CA THR B 70 23.15 -26.86 -13.86
C THR B 70 23.47 -26.28 -12.58
N GLY B 71 22.39 -26.06 -11.75
CA GLY B 71 22.48 -25.55 -10.35
C GLY B 71 23.27 -26.40 -9.46
N ILE B 72 23.11 -27.72 -9.52
CA ILE B 72 23.88 -28.68 -8.71
C ILE B 72 25.38 -28.71 -9.01
N ALA B 73 25.77 -28.79 -10.28
CA ALA B 73 27.17 -28.70 -10.61
C ALA B 73 27.81 -27.32 -10.35
N TYR B 74 27.09 -26.23 -10.71
CA TYR B 74 27.60 -24.83 -10.56
C TYR B 74 27.92 -24.46 -9.15
N SER B 75 26.99 -24.89 -8.24
CA SER B 75 27.23 -24.58 -6.88
C SER B 75 28.38 -25.30 -6.17
N LEU B 76 28.92 -26.31 -6.77
CA LEU B 76 30.06 -27.13 -6.35
C LEU B 76 31.40 -26.75 -7.00
N PHE B 77 31.54 -26.24 -8.31
CA PHE B 77 32.84 -26.34 -8.99
C PHE B 77 33.10 -24.93 -9.58
N ALA B 78 32.51 -23.84 -9.00
CA ALA B 78 32.60 -22.54 -9.47
C ALA B 78 33.54 -21.74 -8.54
N GLY B 79 34.42 -20.89 -9.15
CA GLY B 79 35.40 -20.07 -8.59
C GLY B 79 34.80 -18.77 -8.18
N GLN B 80 33.45 -18.66 -8.27
CA GLN B 80 32.69 -17.62 -7.70
C GLN B 80 31.38 -18.22 -7.72
N PRO B 81 31.01 -19.01 -6.81
CA PRO B 81 29.80 -19.83 -6.91
C PRO B 81 28.60 -19.08 -6.37
N LEU B 82 28.67 -17.70 -6.14
CA LEU B 82 27.61 -16.89 -5.67
C LEU B 82 26.73 -16.28 -6.69
N THR B 83 27.01 -16.51 -7.97
CA THR B 83 26.15 -16.07 -9.05
C THR B 83 25.02 -17.11 -9.14
N ILE B 84 23.79 -16.65 -9.04
CA ILE B 84 22.64 -17.51 -9.23
C ILE B 84 22.15 -17.10 -10.62
N LEU B 85 22.29 -18.06 -11.52
CA LEU B 85 22.00 -18.02 -12.94
C LEU B 85 20.56 -17.85 -13.20
N GLY B 86 20.20 -17.28 -14.37
CA GLY B 86 18.85 -17.08 -14.80
C GLY B 86 18.98 -16.65 -16.25
N SER B 87 18.03 -17.10 -17.15
CA SER B 87 18.01 -16.77 -18.49
C SER B 87 17.95 -15.26 -18.80
N THR B 88 18.34 -14.92 -20.04
CA THR B 88 18.60 -13.63 -20.63
C THR B 88 18.08 -13.63 -22.04
N GLY B 89 17.89 -12.42 -22.57
CA GLY B 89 17.33 -12.12 -23.88
C GLY B 89 18.11 -12.66 -25.04
N PRO B 90 19.44 -12.57 -25.24
CA PRO B 90 20.13 -13.21 -26.29
C PRO B 90 19.85 -14.71 -26.46
N VAL B 91 19.68 -15.55 -25.39
CA VAL B 91 19.42 -16.97 -25.56
C VAL B 91 18.15 -17.17 -26.26
N LEU B 92 17.09 -16.41 -25.85
CA LEU B 92 15.72 -16.57 -26.33
C LEU B 92 15.57 -16.21 -27.80
N VAL B 93 16.19 -15.05 -28.14
CA VAL B 93 16.31 -14.67 -29.51
C VAL B 93 17.22 -15.61 -30.43
N PHE B 94 18.34 -16.10 -29.93
CA PHE B 94 19.26 -16.94 -30.56
C PHE B 94 18.60 -18.22 -30.96
N GLU B 95 17.85 -18.82 -30.04
CA GLU B 95 17.15 -20.07 -30.30
C GLU B 95 16.12 -19.88 -31.41
N LYS B 96 15.43 -18.74 -31.38
CA LYS B 96 14.43 -18.44 -32.40
C LYS B 96 15.10 -18.36 -33.77
N ILE B 97 16.26 -17.71 -33.81
CA ILE B 97 17.03 -17.59 -35.05
C ILE B 97 17.48 -18.96 -35.52
N LEU B 98 17.90 -19.80 -34.57
CA LEU B 98 18.33 -21.15 -34.89
C LEU B 98 17.12 -21.86 -35.49
N PHE B 99 15.96 -21.61 -34.89
CA PHE B 99 14.74 -22.18 -35.37
C PHE B 99 14.33 -21.76 -36.73
N LYS B 100 14.45 -20.43 -37.04
CA LYS B 100 14.12 -19.88 -38.35
C LYS B 100 15.13 -20.47 -39.36
N PHE B 101 16.38 -20.58 -38.99
CA PHE B 101 17.33 -21.19 -39.90
C PHE B 101 17.03 -22.63 -40.16
N CYS B 102 16.36 -23.33 -39.17
CA CYS B 102 16.01 -24.66 -39.13
C CYS B 102 14.62 -24.86 -39.62
N LYS B 103 14.15 -24.11 -40.66
CA LYS B 103 12.95 -24.39 -41.33
C LYS B 103 13.18 -24.99 -42.70
N ASP B 104 14.50 -25.06 -43.07
CA ASP B 104 14.97 -25.77 -44.27
C ASP B 104 16.17 -26.46 -43.78
N TYR B 105 16.25 -27.78 -44.19
CA TYR B 105 17.20 -28.69 -43.63
C TYR B 105 16.95 -28.87 -42.24
N ALA B 106 15.74 -29.41 -41.97
CA ALA B 106 15.02 -29.25 -40.72
C ALA B 106 14.54 -30.58 -40.20
N LEU B 107 15.31 -31.58 -40.62
CA LEU B 107 15.12 -33.00 -40.50
C LEU B 107 15.19 -33.50 -39.02
N SER B 108 16.13 -32.84 -38.21
CA SER B 108 15.94 -32.92 -36.78
C SER B 108 16.47 -31.56 -36.34
N TYR B 109 15.62 -30.85 -35.56
CA TYR B 109 16.07 -29.69 -34.69
C TYR B 109 17.05 -30.09 -33.70
N LEU B 110 16.80 -31.25 -33.02
CA LEU B 110 17.57 -31.57 -31.81
C LEU B 110 19.00 -31.82 -32.08
N SER B 111 19.35 -32.56 -33.16
CA SER B 111 20.70 -32.95 -33.59
C SER B 111 21.52 -31.71 -34.00
N LEU B 112 20.85 -30.73 -34.70
CA LEU B 112 21.47 -29.49 -35.03
C LEU B 112 21.81 -28.56 -33.84
N ARG B 113 20.82 -28.43 -32.88
CA ARG B 113 21.02 -27.74 -31.64
C ARG B 113 22.03 -28.37 -30.74
N ALA B 114 22.18 -29.78 -30.72
CA ALA B 114 23.30 -30.40 -29.97
C ALA B 114 24.64 -30.11 -30.59
N CYS B 115 24.70 -30.18 -31.94
CA CYS B 115 25.90 -29.76 -32.67
C CYS B 115 26.24 -28.28 -32.43
N ILE B 116 25.27 -27.38 -32.47
CA ILE B 116 25.60 -25.99 -32.12
C ILE B 116 26.03 -25.79 -30.64
N GLY B 117 25.37 -26.48 -29.71
CA GLY B 117 25.62 -26.39 -28.28
C GLY B 117 27.04 -26.92 -27.92
N LEU B 118 27.42 -28.05 -28.54
CA LEU B 118 28.70 -28.65 -28.43
C LEU B 118 29.77 -27.80 -29.00
N TRP B 119 29.66 -27.16 -30.17
CA TRP B 119 30.67 -26.30 -30.83
C TRP B 119 30.87 -25.13 -29.90
N THR B 120 29.82 -24.46 -29.31
CA THR B 120 30.03 -23.30 -28.49
C THR B 120 30.59 -23.75 -27.17
N ALA B 121 30.26 -24.95 -26.60
CA ALA B 121 30.85 -25.42 -25.37
C ALA B 121 32.28 -25.72 -25.41
N PHE B 122 32.66 -26.40 -26.47
CA PHE B 122 34.05 -26.73 -26.76
C PHE B 122 34.87 -25.53 -27.03
N LEU B 123 34.26 -24.49 -27.73
CA LEU B 123 34.91 -23.20 -27.94
C LEU B 123 35.12 -22.51 -26.62
N CYS B 124 34.17 -22.58 -25.65
CA CYS B 124 34.34 -21.95 -24.39
C CYS B 124 35.52 -22.58 -23.60
N ILE B 125 35.76 -23.85 -23.90
CA ILE B 125 36.96 -24.56 -23.46
C ILE B 125 38.22 -23.98 -24.15
N VAL B 126 38.13 -23.71 -25.47
CA VAL B 126 39.26 -23.12 -26.24
C VAL B 126 39.63 -21.70 -25.80
N LEU B 127 38.59 -20.93 -25.37
CA LEU B 127 38.77 -19.64 -24.75
C LEU B 127 39.42 -19.61 -23.34
N VAL B 128 39.02 -20.55 -22.49
CA VAL B 128 39.72 -20.70 -21.17
C VAL B 128 41.15 -21.23 -21.22
N ALA B 129 41.49 -21.89 -22.28
CA ALA B 129 42.87 -22.28 -22.62
C ALA B 129 43.68 -21.08 -22.93
N THR B 130 43.14 -20.13 -23.69
CA THR B 130 44.00 -19.08 -24.22
C THR B 130 43.98 -17.78 -23.40
N ASP B 131 42.90 -17.01 -23.44
CA ASP B 131 42.91 -15.59 -23.22
C ASP B 131 41.64 -15.20 -22.50
N ALA B 132 41.14 -15.96 -21.50
CA ALA B 132 39.98 -15.65 -20.74
C ALA B 132 40.23 -14.72 -19.52
N SER B 133 41.48 -14.52 -19.09
CA SER B 133 41.79 -13.73 -17.92
C SER B 133 43.09 -13.00 -18.11
N SER B 134 43.22 -12.42 -19.31
CA SER B 134 44.35 -11.74 -19.84
C SER B 134 43.94 -10.44 -20.45
N LEU B 135 42.66 -10.13 -20.37
CA LEU B 135 42.04 -8.92 -20.93
C LEU B 135 41.05 -8.31 -19.96
N VAL B 136 40.61 -9.15 -18.99
CA VAL B 136 39.42 -8.99 -18.12
C VAL B 136 39.59 -7.81 -17.21
N CYS B 137 40.78 -7.58 -16.76
CA CYS B 137 41.19 -6.60 -15.86
C CYS B 137 41.27 -5.15 -16.49
N TYR B 138 41.14 -5.03 -17.81
CA TYR B 138 41.23 -3.77 -18.56
C TYR B 138 40.08 -2.83 -18.40
N ILE B 139 38.99 -3.40 -17.85
CA ILE B 139 37.69 -2.76 -17.60
C ILE B 139 37.62 -1.79 -16.42
N THR B 140 36.56 -1.00 -16.38
CA THR B 140 36.37 -0.03 -15.38
C THR B 140 34.85 0.10 -15.17
N ARG B 141 34.40 0.96 -14.18
CA ARG B 141 33.01 1.19 -13.75
C ARG B 141 32.00 1.67 -14.77
N PHE B 142 32.30 2.59 -15.71
CA PHE B 142 31.40 3.11 -16.74
C PHE B 142 30.61 1.91 -17.40
N THR B 143 31.41 1.02 -18.10
CA THR B 143 30.90 -0.05 -18.84
C THR B 143 30.25 -1.13 -17.96
N GLU B 144 30.87 -1.50 -16.79
CA GLU B 144 30.30 -2.60 -16.02
C GLU B 144 28.88 -2.21 -15.43
N GLU B 145 28.80 -0.93 -14.91
CA GLU B 145 27.61 -0.37 -14.47
C GLU B 145 26.53 -0.07 -15.60
N ALA B 146 26.91 0.37 -16.77
CA ALA B 146 26.00 0.59 -17.89
C ALA B 146 25.35 -0.78 -18.22
N PHE B 147 26.16 -1.82 -18.21
CA PHE B 147 25.62 -3.10 -18.54
C PHE B 147 24.66 -3.67 -17.44
N ALA B 148 25.08 -3.59 -16.10
CA ALA B 148 24.46 -4.10 -14.92
C ALA B 148 23.12 -3.41 -14.61
N SER B 149 23.19 -2.08 -14.60
CA SER B 149 22.03 -1.24 -14.32
C SER B 149 20.94 -1.36 -15.39
N LEU B 150 21.36 -1.37 -16.65
CA LEU B 150 20.40 -1.48 -17.74
C LEU B 150 19.67 -2.81 -17.67
N ILE B 151 20.42 -3.87 -17.40
CA ILE B 151 19.86 -5.20 -17.27
C ILE B 151 18.90 -5.27 -16.08
N CYS B 152 19.29 -4.62 -15.00
CA CYS B 152 18.50 -4.62 -13.78
C CYS B 152 17.14 -3.97 -14.02
N ILE B 153 17.13 -2.88 -14.78
CA ILE B 153 15.88 -2.20 -15.08
C ILE B 153 14.95 -3.11 -15.89
N ILE B 154 15.50 -3.84 -16.86
CA ILE B 154 14.65 -4.75 -17.61
C ILE B 154 13.94 -5.67 -16.61
N PHE B 155 14.67 -6.13 -15.60
CA PHE B 155 14.05 -6.95 -14.52
C PHE B 155 12.75 -6.32 -14.00
N ILE B 156 12.79 -5.03 -13.68
CA ILE B 156 11.60 -4.30 -13.31
C ILE B 156 10.58 -4.15 -14.45
N TYR B 157 11.09 -3.90 -15.66
CA TYR B 157 10.27 -3.65 -16.80
C TYR B 157 9.34 -4.82 -17.14
N GLU B 158 9.87 -6.03 -17.11
CA GLU B 158 9.07 -7.16 -17.27
C GLU B 158 8.30 -7.64 -16.16
N ALA B 159 8.63 -7.23 -14.93
CA ALA B 159 7.75 -7.41 -13.73
C ALA B 159 6.46 -6.68 -13.97
N ILE B 160 6.61 -5.42 -14.38
CA ILE B 160 5.42 -4.65 -14.78
C ILE B 160 4.74 -5.20 -16.07
N GLU B 161 5.52 -5.55 -17.09
CA GLU B 161 5.00 -6.13 -18.25
C GLU B 161 4.24 -7.37 -17.99
N LYS B 162 4.68 -8.13 -17.00
CA LYS B 162 3.96 -9.33 -16.64
C LYS B 162 2.56 -8.99 -16.12
N LEU B 163 2.50 -7.98 -15.25
CA LEU B 163 1.23 -7.54 -14.67
C LEU B 163 0.25 -6.93 -15.68
N ILE B 164 0.78 -6.05 -16.54
CA ILE B 164 -0.05 -5.41 -17.56
C ILE B 164 -0.56 -6.42 -18.58
N HIS B 165 0.29 -7.39 -18.91
CA HIS B 165 -0.06 -8.44 -19.85
C HIS B 165 -1.23 -9.25 -19.32
N LEU B 166 -1.22 -9.53 -18.02
CA LEU B 166 -2.31 -10.24 -17.38
C LEU B 166 -3.56 -9.38 -17.56
N ALA B 167 -3.40 -8.06 -17.42
CA ALA B 167 -4.48 -7.22 -17.59
C ALA B 167 -5.15 -7.45 -18.91
N GLU B 168 -4.43 -7.94 -19.94
CA GLU B 168 -5.04 -8.23 -21.27
C GLU B 168 -5.83 -9.52 -21.29
N THR B 169 -5.34 -10.49 -20.56
CA THR B 169 -6.05 -11.80 -20.49
C THR B 169 -7.18 -11.90 -19.54
N TYR B 170 -7.26 -10.86 -18.67
CA TYR B 170 -8.32 -10.67 -17.67
C TYR B 170 -8.89 -9.25 -17.78
N PRO B 171 -10.05 -9.12 -18.52
CA PRO B 171 -10.75 -7.82 -18.59
C PRO B 171 -11.81 -7.62 -17.50
N ILE B 172 -12.38 -6.39 -17.52
CA ILE B 172 -13.29 -5.95 -16.51
C ILE B 172 -14.51 -5.36 -17.18
N HIS B 173 -15.70 -5.38 -16.45
CA HIS B 173 -16.95 -4.71 -16.80
C HIS B 173 -16.66 -3.26 -16.45
N MET B 174 -16.92 -2.36 -17.38
CA MET B 174 -16.35 -1.01 -17.40
C MET B 174 -17.28 -0.02 -16.79
N HIS B 175 -18.50 -0.54 -16.45
CA HIS B 175 -19.48 0.11 -15.73
C HIS B 175 -20.48 -0.93 -15.38
N SER B 176 -20.47 -1.26 -14.09
CA SER B 176 -21.25 -2.36 -13.53
C SER B 176 -22.77 -2.30 -13.67
N GLN B 177 -23.38 -1.13 -13.47
CA GLN B 177 -24.84 -0.99 -13.59
C GLN B 177 -25.53 -2.05 -12.72
N LEU B 178 -25.31 -1.99 -11.41
CA LEU B 178 -25.81 -3.00 -10.50
C LEU B 178 -27.31 -3.18 -10.63
N ASP B 179 -28.06 -2.08 -10.76
CA ASP B 179 -29.46 -2.30 -11.02
C ASP B 179 -29.75 -3.36 -12.10
N HIS B 180 -28.96 -3.35 -13.22
CA HIS B 180 -28.90 -4.35 -14.26
C HIS B 180 -28.05 -5.53 -13.91
N LEU B 181 -27.60 -5.73 -12.62
CA LEU B 181 -26.75 -6.91 -12.27
C LEU B 181 -27.51 -8.18 -12.56
N SER B 182 -28.83 -8.22 -12.18
CA SER B 182 -29.52 -9.48 -12.35
C SER B 182 -29.70 -9.79 -13.90
N LEU B 183 -29.48 -8.84 -14.88
CA LEU B 183 -29.71 -9.01 -16.28
C LEU B 183 -28.47 -9.52 -16.93
N TYR B 184 -27.34 -9.46 -16.20
CA TYR B 184 -26.00 -9.85 -16.77
C TYR B 184 -25.96 -11.37 -16.93
N TYR B 185 -25.36 -11.75 -18.10
CA TYR B 185 -25.29 -13.14 -18.47
C TYR B 185 -24.32 -13.17 -19.55
N CYS B 186 -23.85 -14.41 -19.84
CA CYS B 186 -23.07 -14.67 -21.04
C CYS B 186 -23.06 -16.12 -21.25
N ARG B 187 -23.33 -16.48 -22.50
CA ARG B 187 -23.52 -17.78 -23.01
C ARG B 187 -22.72 -17.86 -24.26
N CYS B 188 -22.25 -19.08 -24.69
CA CYS B 188 -21.54 -19.31 -25.96
C CYS B 188 -22.59 -19.50 -27.04
N ALA B 189 -22.27 -19.19 -28.25
CA ALA B 189 -23.22 -19.30 -29.32
C ALA B 189 -22.46 -19.43 -30.57
N LEU B 190 -23.14 -19.87 -31.63
CA LEU B 190 -22.50 -20.03 -32.94
C LEU B 190 -22.18 -18.69 -33.60
N PRO B 191 -21.08 -18.65 -34.36
CA PRO B 191 -20.55 -17.55 -35.12
C PRO B 191 -21.64 -17.02 -35.98
N GLU B 192 -21.53 -15.72 -36.25
CA GLU B 192 -22.43 -15.02 -37.14
C GLU B 192 -21.48 -14.58 -38.24
N ASN B 193 -21.79 -14.92 -39.49
CA ASN B 193 -20.92 -14.61 -40.63
C ASN B 193 -19.50 -15.11 -40.34
N PRO B 194 -19.40 -16.39 -39.93
CA PRO B 194 -18.17 -17.09 -39.50
C PRO B 194 -17.07 -17.22 -40.54
N ASN B 195 -15.84 -17.13 -40.04
CA ASN B 195 -14.64 -17.25 -40.85
C ASN B 195 -14.39 -18.69 -41.29
N ASN B 196 -13.58 -18.86 -42.32
CA ASN B 196 -13.26 -20.18 -42.85
C ASN B 196 -12.58 -21.08 -41.82
N HIS B 197 -11.70 -20.51 -41.01
CA HIS B 197 -10.99 -21.30 -40.01
C HIS B 197 -11.96 -21.94 -39.02
N THR B 198 -12.95 -21.19 -38.57
CA THR B 198 -13.95 -21.72 -37.65
C THR B 198 -14.70 -22.81 -38.40
N LEU B 199 -14.97 -22.52 -39.67
CA LEU B 199 -15.64 -23.40 -40.59
C LEU B 199 -14.95 -24.69 -40.80
N GLN B 200 -13.63 -24.60 -41.15
CA GLN B 200 -12.75 -25.81 -41.37
C GLN B 200 -12.66 -26.48 -40.06
N TYR B 201 -12.41 -25.83 -38.87
CA TYR B 201 -12.27 -26.43 -37.53
C TYR B 201 -13.46 -27.34 -37.10
N TRP B 202 -14.65 -26.86 -37.42
CA TRP B 202 -15.90 -27.57 -37.20
C TRP B 202 -16.09 -28.82 -38.09
N LYS B 203 -15.69 -28.73 -39.35
CA LYS B 203 -15.90 -29.78 -40.30
C LYS B 203 -14.96 -30.98 -40.03
N GLU B 204 -13.60 -30.76 -40.13
CA GLU B 204 -12.61 -31.76 -40.06
C GLU B 204 -12.45 -32.46 -38.71
N HIS B 205 -12.90 -31.85 -37.61
CA HIS B 205 -12.91 -32.44 -36.28
C HIS B 205 -14.19 -33.29 -36.01
N SER B 206 -15.19 -33.18 -36.89
CA SER B 206 -16.46 -33.95 -36.83
C SER B 206 -17.44 -33.96 -35.61
N ILE B 207 -17.73 -32.78 -35.06
CA ILE B 207 -18.61 -32.66 -33.92
C ILE B 207 -20.08 -32.90 -34.29
N PRO B 208 -20.68 -33.95 -33.72
CA PRO B 208 -22.09 -34.32 -33.96
C PRO B 208 -23.00 -33.67 -32.93
N THR B 209 -24.25 -33.39 -33.32
CA THR B 209 -25.27 -32.77 -32.47
C THR B 209 -24.76 -31.70 -31.50
N ALA B 210 -24.39 -30.54 -32.06
CA ALA B 210 -23.85 -29.43 -31.25
C ALA B 210 -24.97 -28.47 -30.83
N ASP B 211 -26.17 -28.61 -31.39
CA ASP B 211 -27.24 -27.64 -31.09
C ASP B 211 -27.81 -27.79 -29.71
N VAL B 212 -27.98 -29.11 -29.30
CA VAL B 212 -28.51 -29.24 -27.87
C VAL B 212 -27.55 -28.78 -26.78
N ASN B 213 -26.31 -28.38 -27.16
CA ASN B 213 -25.21 -28.22 -26.23
C ASN B 213 -24.68 -26.82 -26.27
N TRP B 214 -25.08 -26.11 -27.31
CA TRP B 214 -24.65 -24.75 -27.55
C TRP B 214 -25.33 -23.67 -26.70
N ALA B 215 -26.35 -24.03 -25.92
CA ALA B 215 -27.07 -22.97 -25.20
C ALA B 215 -26.38 -22.43 -24.04
N ASN B 216 -25.39 -23.19 -23.53
CA ASN B 216 -24.59 -22.75 -22.35
C ASN B 216 -23.39 -23.69 -22.16
N LEU B 217 -22.17 -23.15 -22.06
CA LEU B 217 -20.99 -23.93 -21.87
C LEU B 217 -20.11 -23.21 -20.90
N THR B 218 -19.27 -24.03 -20.22
CA THR B 218 -18.13 -23.68 -19.44
C THR B 218 -17.17 -22.92 -20.32
N VAL B 219 -16.28 -22.23 -19.62
CA VAL B 219 -15.27 -21.38 -20.27
C VAL B 219 -14.30 -22.10 -21.21
N SER B 220 -13.79 -23.25 -20.81
CA SER B 220 -12.92 -23.99 -21.67
C SER B 220 -13.72 -24.42 -22.89
N GLU B 221 -14.97 -24.90 -22.68
CA GLU B 221 -15.81 -25.60 -23.64
C GLU B 221 -16.08 -24.69 -24.87
N CYS B 222 -16.38 -23.40 -24.64
CA CYS B 222 -16.70 -22.51 -25.77
C CYS B 222 -15.47 -22.36 -26.63
N GLN B 223 -14.26 -22.39 -26.14
CA GLN B 223 -13.02 -22.17 -26.82
C GLN B 223 -12.67 -23.25 -27.80
N GLU B 224 -13.41 -24.39 -27.73
CA GLU B 224 -13.23 -25.58 -28.52
C GLU B 224 -14.30 -25.66 -29.54
N MET B 225 -15.31 -24.77 -29.61
CA MET B 225 -16.11 -24.67 -30.79
C MET B 225 -15.89 -23.35 -31.48
N HIS B 226 -15.10 -22.49 -30.81
CA HIS B 226 -14.59 -21.24 -31.28
C HIS B 226 -15.78 -20.22 -31.39
N GLY B 227 -16.90 -20.58 -30.69
CA GLY B 227 -18.09 -19.75 -30.73
C GLY B 227 -17.92 -18.36 -30.13
N GLU B 228 -18.86 -17.42 -30.32
CA GLU B 228 -18.88 -16.12 -29.71
C GLU B 228 -19.45 -16.22 -28.32
N PHE B 229 -18.77 -15.50 -27.43
CA PHE B 229 -19.23 -15.39 -26.07
C PHE B 229 -20.09 -14.17 -26.28
N ILE B 230 -21.40 -14.39 -26.24
CA ILE B 230 -22.38 -13.31 -26.52
C ILE B 230 -23.03 -13.05 -25.16
N GLY B 231 -23.35 -11.80 -24.79
CA GLY B 231 -23.94 -11.44 -23.50
C GLY B 231 -23.57 -10.07 -23.26
N SER B 232 -24.07 -9.54 -22.09
CA SER B 232 -23.78 -8.22 -21.67
C SER B 232 -22.59 -8.22 -20.73
N ALA B 233 -22.03 -9.40 -20.60
CA ALA B 233 -20.98 -9.83 -19.66
C ALA B 233 -19.83 -10.27 -20.45
N CYS B 234 -19.84 -9.90 -21.73
CA CYS B 234 -18.72 -10.21 -22.61
C CYS B 234 -18.25 -8.96 -23.35
N GLY B 235 -17.03 -8.53 -23.07
CA GLY B 235 -16.44 -7.36 -23.73
C GLY B 235 -15.14 -7.70 -24.44
N HIS B 236 -14.74 -8.97 -24.32
CA HIS B 236 -13.50 -9.48 -24.88
C HIS B 236 -13.64 -10.99 -25.05
N HIS B 237 -12.64 -11.64 -25.65
CA HIS B 237 -12.70 -13.08 -25.83
C HIS B 237 -12.80 -13.78 -24.47
N GLY B 238 -12.00 -13.32 -23.51
CA GLY B 238 -12.08 -13.86 -22.15
C GLY B 238 -13.23 -13.12 -21.51
N PRO B 239 -14.12 -13.86 -20.84
CA PRO B 239 -15.27 -13.27 -20.15
C PRO B 239 -14.82 -12.13 -19.24
N TYR B 240 -15.77 -11.40 -18.67
CA TYR B 240 -15.45 -10.29 -17.78
C TYR B 240 -15.08 -10.77 -16.38
N THR B 241 -13.77 -10.89 -16.13
CA THR B 241 -13.31 -11.32 -14.81
C THR B 241 -13.85 -10.34 -13.80
N PRO B 242 -14.47 -10.84 -12.72
CA PRO B 242 -15.03 -9.90 -11.81
C PRO B 242 -13.90 -9.13 -11.15
N ASP B 243 -12.87 -9.87 -10.72
CA ASP B 243 -12.11 -9.34 -9.64
C ASP B 243 -10.70 -9.60 -9.84
N VAL B 244 -10.29 -10.38 -10.89
CA VAL B 244 -8.86 -10.85 -10.97
C VAL B 244 -7.96 -9.75 -11.21
N LEU B 245 -8.37 -8.76 -12.03
CA LEU B 245 -7.58 -7.65 -12.47
C LEU B 245 -7.19 -6.68 -11.37
N PHE B 246 -8.28 -6.35 -10.58
CA PHE B 246 -8.20 -5.45 -9.45
C PHE B 246 -7.62 -5.94 -8.11
N TRP B 247 -7.83 -7.27 -7.72
CA TRP B 247 -7.08 -7.99 -6.78
C TRP B 247 -5.64 -8.14 -7.24
N SER B 248 -5.36 -8.37 -8.54
CA SER B 248 -4.02 -8.60 -8.91
C SER B 248 -3.13 -7.42 -8.71
N CYS B 249 -3.77 -6.25 -9.06
CA CYS B 249 -3.14 -4.95 -8.76
C CYS B 249 -2.89 -4.65 -7.31
N ILE B 250 -3.87 -5.05 -6.39
CA ILE B 250 -3.76 -5.01 -4.90
C ILE B 250 -2.63 -5.88 -4.43
N LEU B 251 -2.48 -7.13 -4.93
CA LEU B 251 -1.37 -7.96 -4.57
C LEU B 251 0.00 -7.44 -4.98
N PHE B 252 0.14 -6.96 -6.22
CA PHE B 252 1.22 -6.34 -6.73
C PHE B 252 1.68 -5.11 -5.93
N PHE B 253 0.78 -4.10 -5.69
CA PHE B 253 1.06 -2.88 -4.98
C PHE B 253 1.31 -3.11 -3.46
N ALA B 254 0.58 -4.07 -2.77
CA ALA B 254 0.79 -4.29 -1.38
C ALA B 254 2.16 -4.90 -1.10
N THR B 255 2.60 -5.83 -2.00
CA THR B 255 3.92 -6.52 -1.87
C THR B 255 5.05 -5.52 -1.92
N PHE B 256 5.11 -4.62 -2.93
CA PHE B 256 6.22 -3.64 -2.96
C PHE B 256 6.34 -2.63 -1.79
N ILE B 257 5.22 -2.41 -1.02
CA ILE B 257 5.25 -1.51 0.14
C ILE B 257 5.70 -2.34 1.35
N VAL B 258 5.07 -3.54 1.57
CA VAL B 258 5.29 -4.48 2.65
C VAL B 258 6.64 -5.18 2.74
N SER B 259 7.23 -5.67 1.55
CA SER B 259 8.50 -6.31 1.40
C SER B 259 9.60 -5.36 1.79
N SER B 260 9.60 -4.06 1.41
CA SER B 260 10.51 -3.00 1.83
C SER B 260 10.41 -2.62 3.35
N THR B 261 9.21 -2.85 3.98
CA THR B 261 8.95 -2.61 5.34
C THR B 261 9.71 -3.70 6.12
N LEU B 262 9.53 -4.99 5.69
CA LEU B 262 10.14 -6.12 6.30
C LEU B 262 11.68 -6.02 6.16
N LYS B 263 12.31 -5.71 5.03
CA LYS B 263 13.77 -5.67 5.02
C LYS B 263 14.47 -4.56 5.82
N THR B 264 13.69 -3.52 6.14
CA THR B 264 14.27 -2.36 6.89
C THR B 264 14.03 -2.58 8.38
N PHE B 265 13.41 -3.70 8.75
CA PHE B 265 13.21 -4.03 10.18
C PHE B 265 14.58 -4.17 10.83
N LYS B 266 15.55 -4.72 10.09
CA LYS B 266 16.93 -4.91 10.61
C LYS B 266 17.42 -3.68 11.39
N THR B 267 17.02 -2.45 11.01
CA THR B 267 17.58 -1.28 11.72
C THR B 267 16.59 -0.70 12.83
N SER B 268 15.42 -1.40 13.12
CA SER B 268 14.49 -1.02 14.08
C SER B 268 15.03 -1.15 15.46
N ARG B 269 14.53 -0.30 16.36
CA ARG B 269 14.96 -0.29 17.77
C ARG B 269 13.97 -0.94 18.74
N TYR B 270 12.77 -1.25 18.27
CA TYR B 270 11.76 -1.87 19.08
C TYR B 270 12.02 -3.23 19.61
N PHE B 271 13.18 -3.89 19.15
CA PHE B 271 13.52 -5.19 19.63
C PHE B 271 15.04 -5.21 19.78
N PRO B 272 15.56 -6.22 20.54
CA PRO B 272 17.00 -6.49 20.48
C PRO B 272 17.25 -7.24 19.19
N THR B 273 18.53 -7.41 18.79
CA THR B 273 18.97 -7.81 17.49
C THR B 273 18.40 -9.24 17.18
N ARG B 274 18.35 -10.25 18.15
CA ARG B 274 18.03 -11.69 17.99
C ARG B 274 16.71 -12.04 17.37
N VAL B 275 15.62 -11.29 17.62
CA VAL B 275 14.31 -11.52 17.01
C VAL B 275 14.09 -10.56 15.91
N ARG B 276 14.92 -9.52 15.76
CA ARG B 276 14.82 -8.50 14.68
C ARG B 276 15.20 -8.96 13.32
N SER B 277 16.52 -9.47 13.13
CA SER B 277 17.06 -9.78 11.85
C SER B 277 16.38 -10.88 11.15
N THR B 278 15.97 -11.85 12.04
CA THR B 278 15.32 -13.13 11.75
C THR B 278 13.90 -13.04 11.25
N VAL B 279 13.19 -11.85 11.45
CA VAL B 279 11.97 -11.42 10.90
C VAL B 279 12.33 -10.72 9.59
N SER B 280 13.43 -9.93 9.50
CA SER B 280 13.95 -9.23 8.39
C SER B 280 14.72 -10.12 7.41
N ASP B 281 14.67 -11.49 7.38
CA ASP B 281 15.33 -12.28 6.33
C ASP B 281 14.35 -13.39 5.94
N PHE B 282 13.33 -13.79 6.78
CA PHE B 282 12.18 -14.57 6.44
C PHE B 282 11.23 -13.78 5.57
N ALA B 283 11.59 -12.53 5.21
CA ALA B 283 10.67 -11.59 4.58
C ALA B 283 9.90 -12.02 3.37
N VAL B 284 10.55 -12.54 2.39
CA VAL B 284 9.95 -12.99 1.18
C VAL B 284 8.98 -14.15 1.39
N PHE B 285 9.38 -15.13 2.27
CA PHE B 285 8.55 -16.23 2.71
C PHE B 285 7.34 -15.80 3.50
N LEU B 286 7.46 -14.80 4.45
CA LEU B 286 6.25 -14.29 5.15
C LEU B 286 5.29 -13.62 4.22
N THR B 287 5.80 -12.80 3.27
CA THR B 287 4.90 -12.10 2.22
C THR B 287 4.20 -13.07 1.32
N ILE B 288 4.91 -14.14 0.88
CA ILE B 288 4.28 -15.28 0.20
C ILE B 288 3.20 -15.89 1.11
N PHE B 289 3.54 -16.16 2.42
CA PHE B 289 2.60 -16.73 3.39
C PHE B 289 1.38 -15.89 3.58
N THR B 290 1.42 -14.59 3.83
CA THR B 290 0.23 -13.77 4.15
C THR B 290 -0.66 -13.52 2.94
N MET B 291 -0.09 -13.34 1.73
CA MET B 291 -0.91 -13.09 0.53
C MET B 291 -1.57 -14.36 0.23
N VAL B 292 -0.97 -15.53 0.55
CA VAL B 292 -1.61 -16.84 0.40
C VAL B 292 -2.87 -17.01 1.26
N ILE B 293 -2.83 -16.60 2.54
CA ILE B 293 -4.03 -16.63 3.42
C ILE B 293 -5.16 -15.74 2.99
N LEU B 294 -4.86 -14.45 2.63
CA LEU B 294 -5.78 -13.50 2.11
C LEU B 294 -6.48 -14.01 0.82
N ASP B 295 -5.64 -14.61 -0.07
CA ASP B 295 -6.24 -15.21 -1.26
C ASP B 295 -7.16 -16.45 -0.98
N PHE B 296 -6.83 -17.27 0.10
CA PHE B 296 -7.56 -18.43 0.58
C PHE B 296 -8.88 -18.16 1.17
N LEU B 297 -9.01 -17.13 1.97
CA LEU B 297 -10.15 -16.68 2.75
C LEU B 297 -11.17 -16.20 1.81
N ILE B 298 -10.90 -15.07 1.11
CA ILE B 298 -11.78 -14.46 0.09
C ILE B 298 -11.30 -14.93 -1.18
N GLY B 299 -12.00 -15.92 -1.79
CA GLY B 299 -11.50 -16.69 -2.90
C GLY B 299 -11.57 -16.06 -4.17
N VAL B 300 -10.45 -15.39 -4.72
CA VAL B 300 -10.46 -14.84 -6.06
C VAL B 300 -9.70 -15.95 -6.73
N PRO B 301 -10.04 -16.33 -7.98
CA PRO B 301 -9.28 -17.37 -8.74
C PRO B 301 -8.08 -16.73 -9.44
N SER B 302 -7.18 -16.09 -8.71
CA SER B 302 -6.01 -15.45 -9.12
C SER B 302 -5.05 -16.49 -9.68
N PRO B 303 -4.29 -16.29 -10.78
CA PRO B 303 -3.28 -17.17 -11.27
C PRO B 303 -2.26 -17.42 -10.23
N LYS B 304 -1.59 -18.57 -10.40
CA LYS B 304 -0.52 -19.11 -9.61
C LYS B 304 0.44 -19.61 -10.61
N LEU B 305 1.72 -19.85 -10.11
CA LEU B 305 2.72 -20.57 -10.84
C LEU B 305 2.30 -22.04 -10.70
N GLN B 306 2.06 -22.65 -11.87
CA GLN B 306 1.70 -24.04 -11.93
C GLN B 306 2.88 -24.77 -12.48
N VAL B 307 3.03 -26.04 -12.03
CA VAL B 307 4.14 -26.88 -12.44
C VAL B 307 3.38 -28.15 -12.86
N PRO B 308 3.74 -28.98 -13.97
CA PRO B 308 3.03 -30.22 -14.33
C PRO B 308 3.29 -31.29 -13.25
N SER B 309 2.37 -32.26 -13.07
CA SER B 309 2.61 -33.38 -12.18
C SER B 309 2.92 -34.66 -12.98
N VAL B 310 2.95 -34.68 -14.31
CA VAL B 310 3.33 -35.88 -15.09
C VAL B 310 4.79 -35.75 -15.51
N PHE B 311 5.55 -36.83 -15.30
CA PHE B 311 7.00 -37.01 -15.54
C PHE B 311 7.23 -37.80 -16.84
N LYS B 312 7.87 -37.23 -17.90
CA LYS B 312 7.97 -37.78 -19.23
C LYS B 312 8.89 -36.83 -20.02
N PRO B 313 9.59 -37.24 -21.12
CA PRO B 313 10.07 -36.34 -22.11
C PRO B 313 9.01 -36.04 -23.11
N THR B 314 8.84 -34.79 -23.53
CA THR B 314 7.79 -34.39 -24.46
C THR B 314 7.89 -34.80 -25.94
N ARG B 315 6.71 -34.96 -26.53
CA ARG B 315 6.44 -35.26 -27.96
C ARG B 315 6.65 -36.71 -28.44
N ASP B 316 7.00 -37.61 -27.51
CA ASP B 316 7.20 -39.02 -27.83
C ASP B 316 8.19 -39.19 -28.99
N ASP B 317 9.23 -38.37 -28.97
CA ASP B 317 10.27 -38.39 -30.02
C ASP B 317 11.50 -37.89 -29.42
N ARG B 318 11.54 -38.09 -28.09
CA ARG B 318 12.63 -37.92 -27.23
C ARG B 318 12.68 -39.06 -26.22
N GLY B 319 13.86 -39.68 -26.06
CA GLY B 319 14.27 -40.34 -24.88
C GLY B 319 14.58 -39.47 -23.75
N TRP B 320 14.73 -40.03 -22.56
CA TRP B 320 15.06 -39.19 -21.42
C TRP B 320 16.41 -38.57 -21.72
N PHE B 321 17.33 -39.40 -22.22
CA PHE B 321 18.65 -38.94 -22.62
C PHE B 321 18.94 -39.51 -24.00
N ILE B 322 19.20 -38.65 -25.00
CA ILE B 322 19.33 -39.16 -26.41
C ILE B 322 20.62 -38.70 -27.10
N SER B 323 21.60 -39.59 -27.25
CA SER B 323 22.90 -39.28 -27.92
C SER B 323 22.90 -39.06 -29.44
N PRO B 324 22.18 -39.82 -30.31
CA PRO B 324 22.33 -39.71 -31.79
C PRO B 324 22.11 -38.37 -32.53
N ILE B 325 23.00 -38.05 -33.48
CA ILE B 325 22.91 -36.77 -34.25
C ILE B 325 23.00 -37.00 -35.77
N GLY B 326 22.78 -38.23 -36.27
CA GLY B 326 22.93 -38.55 -37.71
C GLY B 326 21.98 -37.86 -38.69
N PRO B 327 20.63 -37.72 -38.47
CA PRO B 327 19.72 -37.16 -39.48
C PRO B 327 20.16 -35.97 -40.36
N ASN B 328 20.83 -34.93 -39.89
CA ASN B 328 21.17 -33.88 -40.86
C ASN B 328 22.32 -34.23 -41.80
N PRO B 329 22.15 -33.94 -43.11
CA PRO B 329 23.29 -34.27 -43.91
C PRO B 329 24.49 -33.59 -43.45
N TRP B 330 25.67 -34.20 -43.62
CA TRP B 330 26.92 -33.82 -42.84
C TRP B 330 27.34 -32.34 -42.89
N TRP B 331 27.22 -31.71 -44.05
CA TRP B 331 27.66 -30.31 -44.25
C TRP B 331 27.08 -29.27 -43.31
N THR B 332 25.78 -29.46 -42.91
CA THR B 332 25.17 -28.47 -42.00
C THR B 332 25.92 -28.27 -40.74
N VAL B 333 26.49 -29.38 -40.19
CA VAL B 333 27.31 -29.44 -39.01
C VAL B 333 28.55 -28.58 -39.08
N ILE B 334 29.19 -28.58 -40.27
CA ILE B 334 30.35 -27.75 -40.52
C ILE B 334 29.88 -26.26 -40.63
N ALA B 335 28.65 -26.07 -41.27
CA ALA B 335 28.14 -24.72 -41.48
C ALA B 335 27.76 -23.90 -40.25
N ALA B 336 27.61 -24.60 -39.11
CA ALA B 336 27.13 -24.13 -37.81
C ALA B 336 28.25 -23.36 -37.06
N ILE B 337 29.52 -23.39 -37.60
CA ILE B 337 30.69 -22.78 -36.96
C ILE B 337 30.48 -21.23 -36.76
N ILE B 338 29.94 -20.47 -37.75
CA ILE B 338 29.81 -19.05 -37.64
C ILE B 338 28.82 -18.63 -36.46
N PRO B 339 27.50 -19.15 -36.32
CA PRO B 339 26.65 -18.91 -35.16
C PRO B 339 27.16 -19.36 -33.83
N ALA B 340 27.81 -20.52 -33.73
CA ALA B 340 28.31 -21.01 -32.47
C ALA B 340 29.46 -20.15 -31.94
N LEU B 341 30.30 -19.57 -32.83
CA LEU B 341 31.39 -18.64 -32.58
C LEU B 341 30.82 -17.25 -32.16
N LEU B 342 29.69 -16.76 -32.68
CA LEU B 342 29.11 -15.56 -32.24
C LEU B 342 28.63 -15.75 -30.89
N CYS B 343 27.95 -16.94 -30.63
CA CYS B 343 27.40 -17.30 -29.30
C CYS B 343 28.54 -17.46 -28.29
N THR B 344 29.69 -18.09 -28.57
CA THR B 344 30.71 -18.35 -27.56
C THR B 344 31.25 -17.08 -27.09
N ILE B 345 31.35 -16.04 -27.89
CA ILE B 345 31.69 -14.70 -27.58
C ILE B 345 30.59 -14.07 -26.66
N LEU B 346 29.32 -14.07 -26.97
CA LEU B 346 28.28 -13.41 -26.16
C LEU B 346 28.24 -14.00 -24.82
N ILE B 347 28.32 -15.39 -24.77
CA ILE B 347 28.33 -16.16 -23.50
C ILE B 347 29.44 -15.95 -22.62
N PHE B 348 30.67 -15.93 -23.19
CA PHE B 348 31.93 -15.58 -22.56
C PHE B 348 32.03 -14.28 -21.93
N MET B 349 31.67 -13.21 -22.65
CA MET B 349 31.65 -11.83 -22.23
C MET B 349 30.56 -11.63 -21.14
N ASP B 350 29.29 -12.27 -21.26
CA ASP B 350 28.22 -12.11 -20.25
C ASP B 350 28.66 -12.56 -18.92
N GLN B 351 29.23 -13.81 -18.89
CA GLN B 351 29.70 -14.40 -17.76
C GLN B 351 30.71 -13.52 -17.05
N GLN B 352 31.74 -13.05 -17.83
CA GLN B 352 32.89 -12.43 -17.26
C GLN B 352 32.59 -11.08 -16.67
N ILE B 353 31.70 -10.31 -17.35
CA ILE B 353 31.27 -9.04 -16.84
C ILE B 353 30.57 -9.16 -15.51
N THR B 354 29.64 -10.21 -15.42
CA THR B 354 28.90 -10.47 -14.26
C THR B 354 29.93 -10.76 -13.16
N ALA B 355 30.98 -11.57 -13.46
CA ALA B 355 32.10 -11.89 -12.49
C ALA B 355 32.82 -10.59 -11.97
N VAL B 356 32.94 -9.60 -12.88
CA VAL B 356 33.57 -8.38 -12.54
C VAL B 356 32.72 -7.61 -11.48
N ILE B 357 31.39 -7.48 -11.67
CA ILE B 357 30.44 -6.95 -10.79
C ILE B 357 30.40 -7.66 -9.46
N ILE B 358 30.53 -9.05 -9.37
CA ILE B 358 30.64 -9.69 -8.03
C ILE B 358 31.98 -9.34 -7.28
N ASN B 359 33.13 -9.18 -7.98
CA ASN B 359 34.55 -9.12 -7.56
C ASN B 359 34.93 -7.66 -7.47
N ARG B 360 34.00 -6.80 -6.98
CA ARG B 360 34.28 -5.41 -6.61
C ARG B 360 34.58 -5.50 -5.08
N LYS B 361 34.86 -4.27 -4.58
CA LYS B 361 34.99 -3.94 -3.15
C LYS B 361 33.66 -3.83 -2.41
N GLU B 362 32.55 -3.87 -3.15
CA GLU B 362 31.24 -4.09 -2.52
C GLU B 362 31.12 -5.66 -2.39
N HIS B 363 30.34 -6.21 -1.43
CA HIS B 363 30.20 -7.68 -1.24
C HIS B 363 31.61 -8.30 -1.12
N LYS B 364 32.32 -7.74 -0.14
CA LYS B 364 33.73 -7.88 0.11
C LYS B 364 34.28 -9.27 -0.11
N LEU B 365 35.41 -9.39 -0.71
CA LEU B 365 36.04 -10.71 -0.86
C LEU B 365 37.12 -11.01 0.13
N LYS B 366 36.93 -12.02 0.98
CA LYS B 366 37.80 -12.42 2.02
C LYS B 366 38.96 -13.22 1.66
N LYS B 367 38.78 -14.10 0.64
CA LYS B 367 39.67 -15.11 0.16
C LYS B 367 39.79 -14.75 -1.33
N GLY B 368 40.76 -15.42 -1.99
CA GLY B 368 41.00 -15.30 -3.44
C GLY B 368 39.92 -15.77 -4.31
N CYS B 369 39.99 -15.46 -5.60
CA CYS B 369 38.92 -15.86 -6.52
C CYS B 369 39.46 -16.23 -7.90
N GLY B 370 38.71 -17.09 -8.59
CA GLY B 370 39.14 -17.51 -9.92
C GLY B 370 38.16 -17.35 -11.07
N TYR B 371 38.65 -16.74 -12.14
CA TYR B 371 37.89 -16.56 -13.42
C TYR B 371 37.75 -17.78 -14.31
N HIS B 372 38.91 -18.53 -14.44
CA HIS B 372 39.05 -19.65 -15.25
C HIS B 372 38.20 -20.86 -14.76
N LEU B 373 38.14 -21.17 -13.47
CA LEU B 373 37.40 -22.21 -12.91
C LEU B 373 35.89 -21.96 -13.06
N ASP B 374 35.44 -20.69 -12.84
CA ASP B 374 34.08 -20.23 -13.03
C ASP B 374 33.58 -20.53 -14.42
N LEU B 375 34.42 -20.10 -15.41
CA LEU B 375 34.18 -20.27 -16.87
C LEU B 375 34.22 -21.70 -17.25
N LEU B 376 35.11 -22.55 -16.57
CA LEU B 376 35.31 -23.95 -16.81
C LEU B 376 34.00 -24.68 -16.52
N VAL B 377 33.45 -24.37 -15.31
CA VAL B 377 32.20 -25.03 -14.84
C VAL B 377 30.99 -24.65 -15.62
N VAL B 378 30.81 -23.37 -16.06
CA VAL B 378 29.69 -23.03 -17.02
C VAL B 378 29.95 -23.85 -18.36
N ALA B 379 31.21 -23.93 -18.84
CA ALA B 379 31.54 -24.48 -20.19
C ALA B 379 31.26 -25.96 -20.27
N ILE B 380 31.66 -26.72 -19.23
CA ILE B 380 31.35 -28.13 -19.08
C ILE B 380 29.90 -28.47 -18.90
N MET B 381 29.24 -27.63 -18.01
CA MET B 381 27.78 -27.78 -17.82
C MET B 381 26.93 -27.33 -19.02
N LEU B 382 27.36 -26.31 -19.78
CA LEU B 382 26.73 -25.97 -21.06
C LEU B 382 26.83 -27.09 -22.04
N GLY B 383 28.07 -27.70 -22.11
CA GLY B 383 28.28 -28.81 -23.04
C GLY B 383 27.38 -29.96 -22.74
N VAL B 384 27.20 -30.48 -21.47
CA VAL B 384 26.35 -31.55 -21.16
C VAL B 384 24.79 -31.29 -21.24
N CYS B 385 24.36 -30.06 -20.86
CA CYS B 385 23.01 -29.73 -20.97
C CYS B 385 22.54 -29.70 -22.41
N SER B 386 23.39 -29.12 -23.29
CA SER B 386 23.23 -29.20 -24.77
C SER B 386 23.28 -30.70 -25.28
N LEU B 387 24.13 -31.55 -24.74
CA LEU B 387 24.22 -32.93 -25.16
C LEU B 387 22.91 -33.66 -24.79
N MET B 388 22.12 -33.20 -23.79
CA MET B 388 20.80 -33.80 -23.47
C MET B 388 19.69 -33.03 -24.01
N GLY B 389 19.99 -32.00 -24.82
CA GLY B 389 18.93 -31.09 -25.45
C GLY B 389 17.97 -30.41 -24.47
N LEU B 390 18.62 -29.61 -23.55
CA LEU B 390 17.92 -28.90 -22.54
C LEU B 390 18.35 -27.45 -22.57
N PRO B 391 17.53 -26.57 -21.97
CA PRO B 391 17.70 -25.11 -21.86
C PRO B 391 18.93 -24.61 -21.06
N TRP B 392 19.46 -23.45 -21.48
CA TRP B 392 20.62 -22.81 -20.93
C TRP B 392 20.21 -21.60 -20.11
N PHE B 393 20.97 -21.31 -19.03
CA PHE B 393 20.72 -20.33 -18.00
C PHE B 393 22.09 -19.73 -17.93
N VAL B 394 22.25 -18.41 -17.79
CA VAL B 394 23.54 -17.76 -17.74
C VAL B 394 23.52 -16.88 -16.51
N ALA B 395 24.70 -16.61 -15.92
CA ALA B 395 24.85 -15.83 -14.59
C ALA B 395 24.15 -14.50 -14.73
N ALA B 396 23.03 -14.29 -13.89
CA ALA B 396 22.31 -13.03 -13.96
C ALA B 396 22.74 -12.18 -12.82
N THR B 397 22.55 -10.88 -12.95
CA THR B 397 23.15 -9.94 -12.02
C THR B 397 22.31 -9.85 -10.72
N VAL B 398 21.01 -9.48 -10.79
CA VAL B 398 20.19 -9.11 -9.63
C VAL B 398 20.06 -10.36 -8.76
N LEU B 399 19.96 -11.55 -9.36
CA LEU B 399 19.81 -12.80 -8.61
C LEU B 399 21.02 -13.09 -7.74
N SER B 400 22.21 -12.89 -8.29
CA SER B 400 23.46 -13.09 -7.53
C SER B 400 23.59 -12.16 -6.32
N ILE B 401 23.19 -10.86 -6.49
CA ILE B 401 23.27 -9.85 -5.54
C ILE B 401 22.32 -10.07 -4.49
N THR B 402 21.03 -10.49 -4.73
CA THR B 402 20.07 -10.78 -3.68
C THR B 402 20.39 -12.02 -2.91
N HIS B 403 20.96 -13.10 -3.61
CA HIS B 403 21.42 -14.32 -2.95
C HIS B 403 22.47 -14.00 -1.92
N VAL B 404 23.46 -13.14 -2.31
CA VAL B 404 24.58 -12.71 -1.49
C VAL B 404 24.14 -11.88 -0.22
N ASN B 405 23.15 -10.93 -0.39
CA ASN B 405 22.54 -10.14 0.76
C ASN B 405 21.68 -10.85 1.76
N SER B 406 20.90 -11.83 1.37
CA SER B 406 20.06 -12.61 2.34
C SER B 406 20.80 -13.37 3.47
N LEU B 407 21.90 -14.04 3.14
CA LEU B 407 22.73 -14.74 4.12
C LEU B 407 23.86 -13.74 4.37
N LYS B 408 24.27 -13.50 5.61
CA LYS B 408 25.28 -12.44 5.80
C LYS B 408 25.73 -12.61 7.26
N LEU B 409 26.98 -12.32 7.57
CA LEU B 409 27.53 -12.33 8.89
C LEU B 409 27.49 -10.96 9.44
N GLU B 410 27.05 -10.65 10.69
CA GLU B 410 26.82 -9.37 11.20
C GLU B 410 27.27 -9.54 12.70
N SER B 411 27.74 -8.34 13.29
CA SER B 411 28.39 -8.17 14.59
C SER B 411 27.53 -8.56 15.73
N GLU B 412 28.18 -8.82 16.85
CA GLU B 412 27.50 -9.20 18.08
C GLU B 412 27.20 -8.01 18.99
N CYS B 413 27.69 -6.82 18.63
CA CYS B 413 27.42 -5.66 19.48
C CYS B 413 26.99 -4.61 18.48
N SER B 414 25.66 -4.49 18.36
CA SER B 414 25.05 -3.58 17.48
C SER B 414 24.69 -2.40 18.23
N ALA B 415 24.82 -1.22 17.63
CA ALA B 415 24.49 0.10 18.17
C ALA B 415 22.96 0.28 18.43
N PRO B 416 22.46 1.03 19.43
CA PRO B 416 21.07 1.17 19.78
C PRO B 416 20.18 1.70 18.69
N GLY B 417 19.37 0.78 18.01
CA GLY B 417 18.70 1.12 16.85
C GLY B 417 19.62 1.25 15.75
N GLU B 418 20.08 2.48 15.57
CA GLU B 418 20.95 2.83 14.45
C GLU B 418 22.36 2.22 14.41
N GLN B 419 23.00 2.38 13.25
CA GLN B 419 24.35 1.88 12.93
C GLN B 419 24.69 0.37 12.89
N PRO B 420 23.95 -0.40 12.08
CA PRO B 420 24.14 -1.84 11.84
C PRO B 420 25.50 -2.07 11.15
N LYS B 421 26.16 -3.20 11.39
CA LYS B 421 27.48 -3.36 10.86
C LYS B 421 27.39 -4.45 9.79
N PHE B 422 28.01 -4.17 8.59
CA PHE B 422 27.81 -4.99 7.41
C PHE B 422 28.51 -6.34 7.66
N LEU B 423 29.75 -6.23 8.21
CA LEU B 423 30.69 -7.30 8.53
C LEU B 423 30.56 -8.51 7.57
N GLY B 424 30.80 -8.27 6.30
CA GLY B 424 31.00 -9.32 5.29
C GLY B 424 29.69 -9.83 4.75
N ILE B 425 29.70 -10.99 4.00
CA ILE B 425 28.57 -11.64 3.46
C ILE B 425 28.98 -13.03 3.36
N ARG B 426 28.04 -14.03 3.41
CA ARG B 426 28.30 -15.40 3.59
C ARG B 426 28.44 -16.14 2.27
N GLU B 427 29.30 -17.23 2.29
CA GLU B 427 29.33 -18.10 1.16
C GLU B 427 29.27 -19.45 1.85
N GLN B 428 28.24 -20.22 1.47
CA GLN B 428 27.97 -21.52 2.07
C GLN B 428 28.32 -22.65 1.12
N ARG B 429 27.79 -22.55 -0.09
CA ARG B 429 28.02 -23.56 -1.12
C ARG B 429 27.12 -24.77 -0.93
N VAL B 430 26.11 -24.69 -0.06
CA VAL B 430 25.28 -25.84 0.12
C VAL B 430 23.82 -25.54 -0.25
N THR B 431 23.27 -24.35 0.09
CA THR B 431 21.97 -23.93 -0.34
C THR B 431 21.86 -23.83 -1.84
N GLY B 432 22.84 -23.32 -2.60
CA GLY B 432 22.80 -23.37 -4.02
C GLY B 432 22.55 -24.79 -4.52
N LEU B 433 23.20 -25.84 -3.94
CA LEU B 433 23.10 -27.21 -4.22
C LEU B 433 21.65 -27.65 -3.95
N MET B 434 21.16 -27.41 -2.72
CA MET B 434 19.86 -27.85 -2.27
C MET B 434 18.58 -27.30 -2.90
N ILE B 435 18.68 -25.97 -3.22
CA ILE B 435 17.69 -25.29 -4.04
C ILE B 435 17.39 -25.98 -5.36
N PHE B 436 18.47 -26.23 -6.10
CA PHE B 436 18.27 -26.79 -7.44
C PHE B 436 18.00 -28.32 -7.32
N VAL B 437 18.51 -29.04 -6.26
CA VAL B 437 18.12 -30.45 -5.88
C VAL B 437 16.60 -30.51 -5.53
N LEU B 438 16.07 -29.58 -4.74
CA LEU B 438 14.71 -29.63 -4.29
C LEU B 438 13.73 -29.22 -5.39
N MET B 439 14.16 -28.24 -6.31
CA MET B 439 13.44 -27.89 -7.51
C MET B 439 13.47 -28.94 -8.55
N GLY B 440 14.56 -29.79 -8.61
CA GLY B 440 14.64 -31.09 -9.35
C GLY B 440 13.70 -32.07 -8.81
N CYS B 441 13.49 -32.09 -7.51
CA CYS B 441 12.55 -33.04 -6.92
C CYS B 441 11.09 -32.59 -7.05
N SER B 442 10.86 -31.43 -7.62
CA SER B 442 9.51 -30.87 -7.71
C SER B 442 8.80 -31.08 -9.03
N VAL B 443 9.22 -32.11 -9.69
CA VAL B 443 8.40 -32.67 -10.77
C VAL B 443 7.14 -33.26 -10.29
N PHE B 444 7.15 -33.78 -9.06
CA PHE B 444 5.94 -34.34 -8.48
C PHE B 444 5.42 -33.47 -7.34
N MET B 445 6.05 -32.37 -6.94
CA MET B 445 5.64 -31.37 -5.95
C MET B 445 4.95 -30.36 -6.78
N THR B 446 3.63 -30.37 -6.67
CA THR B 446 2.81 -29.41 -7.40
C THR B 446 2.00 -28.50 -6.47
N ALA B 447 1.68 -29.03 -5.30
CA ALA B 447 0.89 -28.32 -4.29
C ALA B 447 1.52 -27.06 -3.68
N VAL B 448 2.82 -27.11 -3.43
CA VAL B 448 3.53 -26.00 -2.79
C VAL B 448 3.55 -24.64 -3.50
N LEU B 449 3.72 -24.65 -4.82
CA LEU B 449 3.79 -23.38 -5.54
C LEU B 449 2.44 -23.05 -6.18
N LYS B 450 1.59 -24.05 -6.39
CA LYS B 450 0.35 -23.80 -7.11
C LYS B 450 -0.43 -22.73 -6.37
N PHE B 451 -0.46 -22.86 -5.06
CA PHE B 451 -1.11 -21.88 -4.22
C PHE B 451 -0.40 -20.52 -4.29
N ILE B 452 0.93 -20.55 -4.42
CA ILE B 452 1.72 -19.29 -4.34
C ILE B 452 1.28 -18.52 -5.58
N PRO B 453 0.52 -17.43 -5.41
CA PRO B 453 0.04 -16.67 -6.55
C PRO B 453 1.12 -16.10 -7.42
N MET B 454 0.76 -15.81 -8.70
CA MET B 454 1.70 -15.09 -9.54
C MET B 454 1.96 -13.64 -9.07
N PRO B 455 0.96 -12.86 -8.66
CA PRO B 455 1.28 -11.46 -8.34
C PRO B 455 2.33 -11.17 -7.24
N VAL B 456 2.31 -11.90 -6.13
CA VAL B 456 3.24 -11.72 -5.06
C VAL B 456 4.65 -12.01 -5.47
N LEU B 457 4.93 -13.02 -6.29
CA LEU B 457 6.26 -13.29 -6.86
C LEU B 457 6.69 -12.17 -7.81
N TYR B 458 5.71 -11.53 -8.56
CA TYR B 458 6.02 -10.46 -9.44
C TYR B 458 6.53 -9.21 -8.69
N GLY B 459 5.92 -8.87 -7.48
CA GLY B 459 6.39 -7.84 -6.57
C GLY B 459 7.70 -8.02 -5.97
N VAL B 460 7.94 -9.34 -5.64
CA VAL B 460 9.20 -9.84 -5.13
C VAL B 460 10.30 -9.58 -6.12
N PHE B 461 9.98 -9.84 -7.45
CA PHE B 461 10.87 -9.60 -8.53
C PHE B 461 11.27 -8.20 -8.73
N LEU B 462 10.25 -7.29 -8.70
CA LEU B 462 10.45 -5.82 -8.88
C LEU B 462 11.20 -5.22 -7.74
N TYR B 463 10.90 -5.65 -6.48
CA TYR B 463 11.61 -5.21 -5.30
C TYR B 463 13.09 -5.60 -5.38
N MET B 464 13.35 -6.84 -5.80
CA MET B 464 14.67 -7.47 -6.09
C MET B 464 15.48 -6.60 -7.05
N GLY B 465 14.82 -6.17 -8.13
CA GLY B 465 15.39 -5.31 -9.18
C GLY B 465 15.82 -3.94 -8.65
N VAL B 466 14.99 -3.30 -7.75
CA VAL B 466 15.23 -2.09 -7.12
C VAL B 466 16.38 -2.19 -6.09
N SER B 467 16.46 -3.25 -5.23
CA SER B 467 17.38 -3.27 -4.08
C SER B 467 18.82 -3.68 -4.48
N SER B 468 19.01 -4.28 -5.67
CA SER B 468 20.33 -4.67 -6.17
C SER B 468 21.07 -3.43 -6.50
N LEU B 469 20.33 -2.39 -7.03
CA LEU B 469 20.93 -1.11 -7.52
C LEU B 469 21.06 -0.10 -6.36
N GLN B 470 21.11 -0.46 -5.02
CA GLN B 470 21.17 0.62 -3.99
C GLN B 470 22.69 0.74 -3.76
N GLY B 471 23.45 -0.29 -4.13
CA GLY B 471 24.88 -0.37 -4.08
C GLY B 471 25.55 0.06 -5.35
N ILE B 472 24.79 0.35 -6.41
CA ILE B 472 25.32 0.65 -7.75
C ILE B 472 25.16 2.21 -7.59
N GLN B 473 26.33 2.88 -7.78
CA GLN B 473 26.55 4.34 -7.50
C GLN B 473 25.94 5.18 -8.60
N PHE B 474 25.85 4.61 -9.84
CA PHE B 474 25.35 5.24 -11.02
C PHE B 474 23.87 5.67 -10.86
N PHE B 475 22.88 4.79 -10.47
CA PHE B 475 21.51 5.07 -10.25
C PHE B 475 21.27 6.17 -9.31
N ASP B 476 22.08 6.29 -8.24
CA ASP B 476 22.08 7.35 -7.27
C ASP B 476 22.18 8.69 -7.88
N ARG B 477 23.13 8.90 -8.83
CA ARG B 477 23.37 10.01 -9.77
C ARG B 477 22.27 10.19 -10.80
N LEU B 478 21.66 9.13 -11.28
CA LEU B 478 20.56 9.15 -12.26
C LEU B 478 19.37 9.86 -11.70
N LYS B 479 19.08 9.62 -10.37
CA LYS B 479 18.08 10.23 -9.52
C LYS B 479 18.48 11.61 -8.99
N LEU B 480 19.67 12.12 -9.42
CA LEU B 480 20.14 13.42 -8.97
C LEU B 480 19.77 14.51 -9.97
N PHE B 481 18.96 14.17 -11.10
CA PHE B 481 18.56 15.17 -12.04
C PHE B 481 17.77 16.32 -11.47
N GLY B 482 16.74 16.09 -10.69
CA GLY B 482 15.89 17.22 -10.15
C GLY B 482 16.35 17.63 -8.86
N MET B 483 17.34 16.87 -8.31
CA MET B 483 17.84 17.27 -7.03
C MET B 483 18.73 18.52 -7.14
N PRO B 484 18.50 19.55 -6.30
CA PRO B 484 19.53 20.66 -6.13
C PRO B 484 20.98 20.31 -5.74
N ALA B 485 21.84 21.35 -5.93
CA ALA B 485 23.19 21.04 -5.76
C ALA B 485 23.89 21.34 -4.45
N LYS B 486 23.06 21.86 -3.52
CA LYS B 486 23.48 22.13 -2.18
C LYS B 486 22.89 21.24 -1.18
N HIS B 487 22.08 20.21 -1.60
CA HIS B 487 21.23 19.42 -0.74
C HIS B 487 21.75 18.03 -0.54
N GLN B 488 22.93 17.57 -1.22
CA GLN B 488 23.39 16.22 -1.12
C GLN B 488 24.28 16.06 0.09
N PRO B 489 24.55 14.84 0.64
CA PRO B 489 25.56 14.67 1.71
C PRO B 489 26.98 14.96 1.18
N ASP B 490 28.03 14.60 1.94
CA ASP B 490 29.41 14.98 1.51
C ASP B 490 29.74 14.38 0.14
N PHE B 491 29.50 13.07 -0.06
CA PHE B 491 29.66 12.46 -1.41
C PHE B 491 30.99 12.84 -2.07
N ILE B 492 32.15 12.41 -1.62
CA ILE B 492 33.40 13.00 -2.10
C ILE B 492 33.43 13.13 -3.61
N TYR B 493 32.94 12.12 -4.30
CA TYR B 493 32.80 12.17 -5.78
C TYR B 493 31.92 13.35 -6.22
N LEU B 494 31.65 14.34 -5.37
CA LEU B 494 30.87 15.51 -5.91
C LEU B 494 31.66 16.67 -5.64
N ARG B 495 32.57 16.66 -4.66
CA ARG B 495 33.19 17.89 -4.28
C ARG B 495 34.37 18.39 -5.08
N HIS B 496 34.86 17.58 -6.00
CA HIS B 496 36.11 17.89 -6.65
C HIS B 496 35.96 17.51 -8.07
N VAL B 497 34.67 17.43 -8.54
CA VAL B 497 34.31 17.35 -9.91
C VAL B 497 33.08 18.19 -9.97
N PRO B 498 33.06 19.23 -10.88
CA PRO B 498 31.85 20.02 -11.17
C PRO B 498 30.56 19.42 -11.53
N LEU B 499 29.49 20.17 -11.15
CA LEU B 499 28.10 19.71 -11.27
C LEU B 499 27.73 19.44 -12.76
N ARG B 500 28.29 20.33 -13.60
CA ARG B 500 28.14 20.34 -15.06
C ARG B 500 28.73 19.04 -15.54
N LYS B 501 29.92 18.63 -15.10
CA LYS B 501 30.53 17.37 -15.50
C LYS B 501 29.80 16.12 -14.97
N VAL B 502 29.19 16.12 -13.78
CA VAL B 502 28.38 15.03 -13.15
C VAL B 502 27.12 14.66 -13.90
N HIS B 503 26.34 15.81 -14.23
CA HIS B 503 25.16 15.71 -15.12
C HIS B 503 25.53 15.19 -16.52
N LEU B 504 26.69 15.66 -17.07
CA LEU B 504 27.27 15.33 -18.37
C LEU B 504 27.69 13.87 -18.45
N PHE B 505 28.37 13.29 -17.42
CA PHE B 505 28.49 11.84 -17.34
C PHE B 505 27.13 11.20 -17.22
N THR B 506 26.15 11.68 -16.38
CA THR B 506 24.84 11.01 -16.41
C THR B 506 24.08 11.02 -17.73
N LEU B 507 24.08 12.14 -18.49
CA LEU B 507 23.47 12.21 -19.83
C LEU B 507 24.14 11.27 -20.78
N VAL B 508 25.50 11.17 -20.92
CA VAL B 508 26.14 10.26 -21.86
C VAL B 508 25.88 8.75 -21.54
N GLN B 509 25.91 8.39 -20.30
CA GLN B 509 25.73 7.01 -19.81
C GLN B 509 24.30 6.65 -20.06
N LEU B 510 23.40 7.65 -19.85
CA LEU B 510 22.04 7.47 -20.17
C LEU B 510 21.78 7.30 -21.67
N THR B 511 22.55 8.01 -22.51
CA THR B 511 22.54 7.85 -23.94
C THR B 511 22.92 6.47 -24.43
N CYS B 512 23.97 5.90 -23.85
CA CYS B 512 24.25 4.54 -24.16
C CYS B 512 23.28 3.53 -23.65
N LEU B 513 22.56 3.80 -22.53
CA LEU B 513 21.40 3.01 -22.09
C LEU B 513 20.32 3.07 -23.15
N VAL B 514 20.03 4.30 -23.67
CA VAL B 514 18.95 4.52 -24.66
C VAL B 514 19.33 3.85 -25.93
N LEU B 515 20.65 3.87 -26.26
CA LEU B 515 21.22 3.17 -27.40
C LEU B 515 21.10 1.64 -27.33
N LEU B 516 21.40 1.05 -26.13
CA LEU B 516 21.12 -0.33 -25.85
C LEU B 516 19.65 -0.70 -25.97
N TRP B 517 18.77 0.18 -25.50
CA TRP B 517 17.42 -0.01 -25.45
C TRP B 517 16.87 -0.19 -26.87
N VAL B 518 17.24 0.64 -27.82
CA VAL B 518 16.81 0.57 -29.19
C VAL B 518 17.41 -0.63 -29.93
N ILE B 519 18.71 -1.09 -29.69
CA ILE B 519 19.32 -2.24 -30.24
C ILE B 519 18.60 -3.56 -29.71
N LYS B 520 18.26 -3.58 -28.48
CA LYS B 520 17.37 -4.61 -27.86
C LYS B 520 16.02 -4.70 -28.53
N ALA B 521 15.44 -3.56 -28.97
CA ALA B 521 14.19 -3.48 -29.62
C ALA B 521 14.33 -3.75 -31.14
N SER B 522 15.55 -3.84 -31.72
CA SER B 522 15.68 -4.23 -33.12
C SER B 522 15.23 -5.74 -33.29
N PRO B 523 14.70 -6.15 -34.47
CA PRO B 523 14.27 -7.61 -34.76
C PRO B 523 15.47 -8.53 -34.94
N ALA B 524 16.62 -8.15 -34.42
CA ALA B 524 17.82 -8.96 -34.38
C ALA B 524 18.10 -8.90 -32.89
N ALA B 525 18.72 -7.80 -32.47
CA ALA B 525 19.03 -7.40 -31.08
C ALA B 525 20.15 -8.16 -30.38
N ILE B 526 20.83 -9.04 -31.11
CA ILE B 526 21.90 -9.89 -30.50
C ILE B 526 23.24 -9.13 -30.50
N VAL B 527 23.28 -7.92 -31.05
CA VAL B 527 24.53 -7.08 -31.00
C VAL B 527 24.82 -6.75 -29.53
N PHE B 528 23.83 -6.78 -28.65
CA PHE B 528 24.03 -6.19 -27.32
C PHE B 528 25.24 -6.59 -26.47
N PRO B 529 25.65 -7.87 -26.47
CA PRO B 529 26.81 -8.17 -25.64
C PRO B 529 28.09 -7.51 -26.16
N MET B 530 28.21 -7.50 -27.48
CA MET B 530 29.30 -7.01 -28.23
C MET B 530 29.39 -5.53 -28.17
N MET B 531 28.33 -4.87 -27.76
CA MET B 531 28.27 -3.44 -27.43
C MET B 531 29.09 -3.09 -26.29
N VAL B 532 29.33 -3.97 -25.31
CA VAL B 532 30.24 -3.70 -24.16
C VAL B 532 31.63 -3.39 -24.56
N LEU B 533 32.11 -4.05 -25.70
CA LEU B 533 33.35 -3.69 -26.38
C LEU B 533 33.41 -2.24 -26.75
N ALA B 534 32.36 -1.64 -27.45
CA ALA B 534 32.33 -0.27 -27.84
C ALA B 534 32.33 0.70 -26.66
N LEU B 535 31.62 0.28 -25.59
CA LEU B 535 31.65 1.08 -24.35
C LEU B 535 33.00 1.19 -23.67
N VAL B 536 33.98 0.31 -23.99
CA VAL B 536 35.30 0.43 -23.53
C VAL B 536 36.11 1.41 -24.46
N PHE B 537 35.95 1.22 -25.87
CA PHE B 537 36.61 2.01 -26.88
C PHE B 537 36.33 3.46 -26.65
N VAL B 538 35.02 3.81 -26.51
CA VAL B 538 34.55 5.17 -26.27
C VAL B 538 35.05 5.76 -24.96
N ARG B 539 35.14 4.88 -23.92
CA ARG B 539 35.53 5.27 -22.57
C ARG B 539 36.83 5.96 -22.48
N LYS B 540 37.84 5.27 -23.19
CA LYS B 540 39.24 5.74 -23.35
C LYS B 540 39.33 7.12 -23.93
N VAL B 541 38.43 7.43 -24.89
CA VAL B 541 38.34 8.72 -25.54
C VAL B 541 38.10 9.81 -24.61
N MET B 542 37.20 9.49 -23.64
CA MET B 542 36.69 10.45 -22.70
C MET B 542 37.60 11.07 -21.74
N ASP B 543 38.87 10.51 -21.59
CA ASP B 543 39.95 11.13 -20.87
C ASP B 543 40.42 12.48 -21.48
N LEU B 544 40.05 12.66 -22.79
CA LEU B 544 40.47 13.81 -23.51
C LEU B 544 39.38 14.79 -23.76
N CYS B 545 38.17 14.25 -23.72
CA CYS B 545 36.97 15.05 -23.81
C CYS B 545 36.88 15.82 -22.48
N PHE B 546 37.22 15.10 -21.42
CA PHE B 546 37.24 15.60 -20.05
C PHE B 546 38.52 15.11 -19.40
N SER B 547 38.96 15.80 -18.36
CA SER B 547 40.22 15.45 -17.67
C SER B 547 40.23 14.09 -16.94
N LYS B 548 41.38 13.43 -17.03
CA LYS B 548 41.64 12.22 -16.40
C LYS B 548 41.29 12.25 -14.92
N ARG B 549 41.43 13.38 -14.26
CA ARG B 549 41.14 13.60 -12.86
C ARG B 549 39.70 13.48 -12.64
N GLU B 550 38.93 14.05 -13.64
CA GLU B 550 37.53 14.07 -13.76
C GLU B 550 36.86 12.78 -13.98
N LEU B 551 37.60 11.70 -14.16
CA LEU B 551 36.99 10.39 -14.12
C LEU B 551 37.56 9.57 -12.96
N SER B 552 38.69 10.02 -12.41
CA SER B 552 39.28 9.33 -11.23
C SER B 552 38.50 9.73 -9.98
N TRP B 553 37.38 10.44 -10.16
CA TRP B 553 36.52 10.78 -9.00
C TRP B 553 35.26 9.90 -9.01
N LEU B 554 34.82 9.47 -10.20
CA LEU B 554 33.55 8.70 -10.30
C LEU B 554 33.88 7.22 -10.55
N ASP B 555 34.46 6.87 -11.67
CA ASP B 555 34.70 5.48 -11.93
C ASP B 555 35.72 4.95 -10.94
N ASP B 556 36.30 5.85 -10.13
CA ASP B 556 37.40 5.41 -9.29
C ASP B 556 37.07 4.10 -8.67
N LEU B 557 37.99 3.18 -8.78
CA LEU B 557 37.76 1.77 -8.57
C LEU B 557 37.36 1.40 -7.10
N MET B 558 38.04 2.00 -6.07
CA MET B 558 37.67 1.77 -4.71
C MET B 558 36.36 2.47 -4.31
N PRO B 559 35.57 2.04 -3.38
CA PRO B 559 34.13 2.39 -3.19
C PRO B 559 34.15 3.73 -2.46
N GLU B 560 33.11 4.53 -2.67
CA GLU B 560 32.97 5.88 -2.07
C GLU B 560 33.06 6.12 -0.59
N SER B 561 32.58 5.09 0.20
CA SER B 561 32.66 5.16 1.61
C SER B 561 34.06 5.18 2.19
N LYS B 562 34.96 4.33 1.61
CA LYS B 562 36.34 4.20 1.98
C LYS B 562 37.17 5.42 1.79
N LYS B 563 37.01 6.10 0.62
CA LYS B 563 37.52 7.38 0.25
C LYS B 563 36.95 8.48 1.09
N LYS B 564 35.66 8.51 1.53
CA LYS B 564 35.21 9.39 2.59
C LYS B 564 35.93 9.20 3.84
N LYS B 565 36.16 7.96 4.33
CA LYS B 565 37.03 7.64 5.57
C LYS B 565 38.42 8.11 5.39
N LEU B 566 39.10 7.93 4.24
CA LEU B 566 40.46 8.17 3.89
C LEU B 566 40.60 9.67 3.91
N ASP B 567 39.83 10.45 3.08
CA ASP B 567 40.05 11.85 2.89
C ASP B 567 39.75 12.69 4.15
N ASP B 568 38.78 12.29 5.00
CA ASP B 568 38.51 12.93 6.26
C ASP B 568 39.73 12.71 7.22
N ALA B 569 40.41 11.53 7.19
CA ALA B 569 41.50 11.26 8.10
C ALA B 569 42.83 11.92 7.59
N LYS B 570 42.76 12.63 6.43
CA LYS B 570 43.87 13.35 5.88
C LYS B 570 43.73 14.74 6.33
N LYS B 571 42.49 15.18 6.65
CA LYS B 571 42.20 16.46 7.15
C LYS B 571 41.50 16.33 8.48
#